data_6Q27
#
_entry.id   6Q27
#
_cell.length_a   47.236
_cell.length_b   101.353
_cell.length_c   133.222
_cell.angle_alpha   90.000
_cell.angle_beta   90.150
_cell.angle_gamma   90.000
#
_symmetry.space_group_name_H-M   'P 1 21 1'
#
loop_
_entity.id
_entity.type
_entity.pdbx_description
1 polymer Glucokinase
2 non-polymer 2-acetamido-2-deoxy-alpha-D-mannopyranose
3 water water
#
_entity_poly.entity_id   1
_entity_poly.type   'polypeptide(L)'
_entity_poly.pdbx_seq_one_letter_code
;YYIAIDIGGTQIKSAVIDKQLNMFDYQQISTPDNKSELITDKVYEIVTGYMKQYQLIQPVIGISSAGVVDEQKGEIVYAG
PTIPNYKGTNFKRLLKSLSPYVKVKNDVNAALLGELKLHQYQAERIFCMTLGTGIGGAYKNNQGHIDNGELHKANEVGYL
LYRPTENTTFEQRAATSALKKRMIAGGFTRSTHVPVLFEAAEEGDDIAKQILNEWAEDVAEGIAQIQVMYDPGLILIGGG
ISEQGDNLIKYIEPKVAHYLPKDYVYAPIQTTKSKNDAALYGCLQ
;
_entity_poly.pdbx_strand_id   A,B,C,D
#
# COMPACT_ATOMS: atom_id res chain seq x y z
N TYR A 1 33.09 1.91 15.93
CA TYR A 1 32.56 3.08 15.24
C TYR A 1 32.04 2.77 13.83
N TYR A 2 30.80 3.18 13.54
CA TYR A 2 30.16 3.01 12.24
C TYR A 2 30.13 4.35 11.52
N ILE A 3 30.15 4.32 10.19
CA ILE A 3 30.04 5.53 9.37
C ILE A 3 28.63 5.59 8.78
N ALA A 4 27.92 6.68 9.01
CA ALA A 4 26.57 6.83 8.47
C ALA A 4 26.60 8.02 7.51
N ILE A 5 25.89 7.89 6.39
CA ILE A 5 25.84 8.93 5.39
C ILE A 5 24.43 8.96 4.82
N ASP A 6 23.84 10.15 4.77
CA ASP A 6 22.44 10.31 4.36
C ASP A 6 22.44 11.25 3.19
N ILE A 7 22.01 10.77 2.03
CA ILE A 7 22.12 11.53 0.78
C ILE A 7 20.74 12.01 0.39
N GLY A 8 20.54 13.33 0.38
CA GLY A 8 19.34 13.94 -0.11
C GLY A 8 19.66 14.75 -1.34
N GLY A 9 18.63 15.36 -1.92
CA GLY A 9 18.85 16.18 -3.10
C GLY A 9 19.59 17.47 -2.79
N THR A 10 19.41 17.99 -1.57
CA THR A 10 19.96 19.26 -1.12
C THR A 10 21.19 19.10 -0.24
N GLN A 11 21.22 18.13 0.66
CA GLN A 11 22.29 17.99 1.61
C GLN A 11 22.75 16.54 1.68
N ILE A 12 24.03 16.38 1.94
CA ILE A 12 24.58 15.10 2.38
C ILE A 12 25.00 15.30 3.82
N LYS A 13 24.44 14.50 4.70
CA LYS A 13 24.77 14.51 6.09
C LYS A 13 25.56 13.26 6.39
N SER A 14 26.47 13.34 7.34
CA SER A 14 27.22 12.17 7.74
C SER A 14 27.58 12.31 9.20
N ALA A 15 27.85 11.17 9.82
CA ALA A 15 28.35 11.17 11.19
C ALA A 15 29.02 9.83 11.43
N VAL A 16 29.82 9.79 12.45
CA VAL A 16 30.33 8.56 13.00
C VAL A 16 29.50 8.20 14.22
N ILE A 17 29.13 6.93 14.35
CA ILE A 17 28.24 6.47 15.41
C ILE A 17 28.88 5.29 16.12
N ASP A 18 28.75 5.24 17.45
CA ASP A 18 29.30 4.14 18.23
C ASP A 18 28.18 3.18 18.65
N LYS A 19 28.57 2.13 19.39
CA LYS A 19 27.64 1.06 19.75
C LYS A 19 26.42 1.59 20.51
N GLN A 20 26.61 2.57 21.40
CA GLN A 20 25.49 3.14 22.15
C GLN A 20 24.69 4.20 21.36
N LEU A 21 24.85 4.29 20.04
CA LEU A 21 24.11 5.25 19.22
C LEU A 21 24.48 6.70 19.52
N ASN A 22 25.65 6.94 20.10
CA ASN A 22 26.14 8.31 20.23
C ASN A 22 26.71 8.78 18.89
N MET A 23 26.35 9.98 18.49
CA MET A 23 26.78 10.55 17.22
C MET A 23 27.95 11.49 17.47
N PHE A 24 29.03 11.27 16.74
CA PHE A 24 30.21 12.13 16.78
C PHE A 24 30.44 12.72 15.39
N ASP A 25 31.10 13.88 15.35
CA ASP A 25 31.65 14.40 14.09
C ASP A 25 30.59 14.56 13.00
N TYR A 26 29.40 15.02 13.39
CA TYR A 26 28.33 15.28 12.43
C TYR A 26 28.80 16.28 11.37
N GLN A 27 28.54 15.96 10.12
CA GLN A 27 28.90 16.84 9.03
C GLN A 27 27.71 16.98 8.10
N GLN A 28 27.68 18.11 7.41
CA GLN A 28 26.58 18.41 6.53
C GLN A 28 27.14 19.24 5.39
N ILE A 29 27.07 18.73 4.16
CA ILE A 29 27.55 19.51 3.03
C ILE A 29 26.42 19.63 2.02
N SER A 30 26.53 20.65 1.19
CA SER A 30 25.60 20.82 0.09
C SER A 30 25.76 19.68 -0.91
N THR A 31 24.66 19.15 -1.42
CA THR A 31 24.75 18.03 -2.36
C THR A 31 25.26 18.53 -3.69
N PRO A 32 26.29 17.90 -4.26
CA PRO A 32 26.76 18.29 -5.60
C PRO A 32 25.63 18.14 -6.63
N ASP A 33 25.73 18.92 -7.71
CA ASP A 33 24.74 18.83 -8.78
C ASP A 33 24.73 17.46 -9.48
N ASN A 34 25.73 16.63 -9.26
CA ASN A 34 25.89 15.34 -9.90
C ASN A 34 26.01 15.47 -11.41
N LYS A 35 26.44 16.64 -11.88
CA LYS A 35 26.80 16.87 -13.28
C LYS A 35 28.32 16.93 -13.41
N SER A 36 28.93 18.02 -12.93
CA SER A 36 30.38 18.12 -12.94
C SER A 36 31.01 17.78 -11.59
N GLU A 37 30.29 17.96 -10.48
CA GLU A 37 30.73 17.48 -9.16
C GLU A 37 29.83 16.32 -8.74
N LEU A 38 30.42 15.18 -8.43
CA LEU A 38 29.69 13.93 -8.28
C LEU A 38 29.45 13.58 -6.82
N ILE A 39 28.24 13.10 -6.55
CA ILE A 39 27.85 12.63 -5.23
C ILE A 39 28.76 11.50 -4.78
N THR A 40 29.04 10.53 -5.68
CA THR A 40 29.92 9.43 -5.30
C THR A 40 31.29 9.93 -4.84
N ASP A 41 31.83 10.95 -5.51
CA ASP A 41 33.14 11.48 -5.09
C ASP A 41 33.07 12.05 -3.67
N LYS A 42 31.98 12.77 -3.34
CA LYS A 42 31.83 13.33 -2.00
C LYS A 42 31.63 12.23 -0.95
N VAL A 43 30.85 11.20 -1.28
CA VAL A 43 30.64 10.08 -0.35
C VAL A 43 31.95 9.37 -0.09
N TYR A 44 32.70 9.09 -1.15
CA TYR A 44 34.01 8.46 -1.00
C TYR A 44 34.93 9.29 -0.10
N GLU A 45 34.96 10.60 -0.32
CA GLU A 45 35.88 11.37 0.50
C GLU A 45 35.34 11.56 1.92
N ILE A 46 34.02 11.61 2.08
CA ILE A 46 33.48 11.56 3.45
C ILE A 46 33.94 10.30 4.17
N VAL A 47 33.87 9.15 3.49
CA VAL A 47 34.25 7.88 4.14
C VAL A 47 35.74 7.86 4.48
N THR A 48 36.59 8.19 3.49
CA THR A 48 38.03 8.17 3.74
C THR A 48 38.42 9.17 4.81
N GLY A 49 37.73 10.32 4.86
CA GLY A 49 38.02 11.29 5.91
C GLY A 49 37.76 10.74 7.31
N TYR A 50 36.63 10.05 7.47
CA TYR A 50 36.33 9.41 8.75
C TYR A 50 37.31 8.28 9.03
N MET A 51 37.66 7.50 8.01
CA MET A 51 38.62 6.42 8.21
C MET A 51 39.96 6.94 8.68
N LYS A 52 40.46 8.02 8.09
CA LYS A 52 41.74 8.58 8.53
C LYS A 52 41.61 9.19 9.92
N GLN A 53 40.62 10.06 10.10
CA GLN A 53 40.39 10.68 11.40
C GLN A 53 40.43 9.66 12.53
N TYR A 54 39.73 8.53 12.37
CA TYR A 54 39.55 7.56 13.43
C TYR A 54 40.33 6.25 13.22
N GLN A 55 41.19 6.20 12.20
CA GLN A 55 41.96 4.99 11.87
C GLN A 55 41.07 3.75 11.82
N LEU A 56 39.99 3.83 11.05
CA LEU A 56 39.03 2.73 10.90
C LEU A 56 39.44 1.83 9.75
N ILE A 57 39.58 0.54 10.03
CA ILE A 57 39.84 -0.47 9.01
C ILE A 57 38.53 -1.14 8.68
N GLN A 58 38.21 -1.22 7.39
CA GLN A 58 37.01 -1.86 6.87
C GLN A 58 35.79 -1.47 7.73
N PRO A 59 35.53 -0.18 7.87
CA PRO A 59 34.43 0.25 8.73
C PRO A 59 33.09 -0.22 8.19
N VAL A 60 32.16 -0.46 9.11
CA VAL A 60 30.77 -0.62 8.70
C VAL A 60 30.23 0.74 8.27
N ILE A 61 29.71 0.80 7.06
CA ILE A 61 29.24 2.02 6.44
C ILE A 61 27.75 1.81 6.14
N GLY A 62 26.90 2.66 6.71
CA GLY A 62 25.49 2.69 6.34
C GLY A 62 25.28 3.87 5.40
N ILE A 63 24.59 3.62 4.30
CA ILE A 63 24.23 4.71 3.39
C ILE A 63 22.72 4.78 3.27
N SER A 64 22.18 5.95 3.55
CA SER A 64 20.79 6.28 3.30
C SER A 64 20.73 7.21 2.08
N SER A 65 19.85 6.93 1.13
CA SER A 65 19.84 7.77 -0.07
C SER A 65 18.45 7.92 -0.66
N ALA A 66 18.15 9.14 -1.10
CA ALA A 66 17.05 9.35 -2.02
C ALA A 66 17.21 8.42 -3.22
N GLY A 67 16.09 8.07 -3.82
CA GLY A 67 16.09 7.15 -4.95
C GLY A 67 15.66 5.77 -4.53
N VAL A 68 15.25 4.98 -5.53
CA VAL A 68 14.88 3.58 -5.34
C VAL A 68 16.15 2.76 -5.16
N VAL A 69 16.25 2.07 -4.04
CA VAL A 69 17.46 1.36 -3.66
C VAL A 69 17.20 -0.13 -3.73
N ASP A 70 18.02 -0.85 -4.50
CA ASP A 70 18.10 -2.29 -4.41
C ASP A 70 19.05 -2.60 -3.24
N GLU A 71 18.49 -2.92 -2.07
CA GLU A 71 19.30 -3.05 -0.86
C GLU A 71 20.37 -4.14 -0.98
N GLN A 72 20.03 -5.27 -1.61
CA GLN A 72 21.01 -6.35 -1.75
C GLN A 72 22.15 -5.95 -2.67
N LYS A 73 21.82 -5.31 -3.82
CA LYS A 73 22.89 -4.85 -4.69
C LYS A 73 23.63 -3.67 -4.10
N GLY A 74 22.98 -2.90 -3.23
CA GLY A 74 23.51 -1.63 -2.79
C GLY A 74 23.53 -0.56 -3.87
N GLU A 75 22.46 -0.46 -4.66
CA GLU A 75 22.46 0.30 -5.90
C GLU A 75 21.19 1.13 -6.03
N ILE A 76 21.34 2.35 -6.57
CA ILE A 76 20.21 3.16 -7.02
C ILE A 76 19.73 2.56 -8.33
N VAL A 77 18.56 1.92 -8.32
CA VAL A 77 18.03 1.29 -9.53
C VAL A 77 16.96 2.12 -10.20
N TYR A 78 16.60 3.26 -9.62
CA TYR A 78 15.63 4.18 -10.21
C TYR A 78 15.67 5.50 -9.44
N ALA A 79 15.68 6.62 -10.17
CA ALA A 79 15.78 7.91 -9.53
C ALA A 79 15.03 8.95 -10.35
N GLY A 80 14.11 9.67 -9.70
CA GLY A 80 13.47 10.82 -10.29
C GLY A 80 14.47 11.94 -10.54
N PRO A 81 13.96 13.06 -11.07
CA PRO A 81 14.88 14.13 -11.51
C PRO A 81 15.48 14.95 -10.37
N THR A 82 15.08 14.74 -9.10
CA THR A 82 15.71 15.52 -8.03
C THR A 82 17.23 15.31 -8.04
N ILE A 83 17.70 14.09 -8.26
CA ILE A 83 19.13 13.88 -8.48
C ILE A 83 19.38 13.37 -9.88
N PRO A 84 20.06 14.12 -10.74
CA PRO A 84 20.30 13.66 -12.11
C PRO A 84 21.38 12.57 -12.20
N ASN A 85 21.23 11.71 -13.20
CA ASN A 85 22.27 10.73 -13.55
C ASN A 85 22.52 9.77 -12.40
N TYR A 86 21.53 9.55 -11.56
CA TYR A 86 21.77 8.82 -10.33
C TYR A 86 21.56 7.32 -10.50
N LYS A 87 20.72 6.90 -11.45
CA LYS A 87 20.47 5.47 -11.67
C LYS A 87 21.79 4.76 -11.97
N GLY A 88 21.97 3.60 -11.36
CA GLY A 88 23.17 2.82 -11.55
C GLY A 88 24.22 3.05 -10.50
N THR A 89 24.08 4.07 -9.67
CA THR A 89 25.06 4.31 -8.62
C THR A 89 25.10 3.13 -7.64
N ASN A 90 26.24 2.45 -7.53
CA ASN A 90 26.38 1.30 -6.65
C ASN A 90 27.38 1.63 -5.54
N PHE A 91 26.87 1.85 -4.33
CA PHE A 91 27.73 2.27 -3.24
C PHE A 91 28.61 1.13 -2.75
N LYS A 92 28.18 -0.12 -2.93
CA LYS A 92 29.03 -1.22 -2.55
C LYS A 92 30.26 -1.30 -3.46
N ARG A 93 30.07 -1.09 -4.77
CA ARG A 93 31.21 -1.06 -5.69
C ARG A 93 32.09 0.14 -5.41
N LEU A 94 31.45 1.31 -5.27
CA LEU A 94 32.14 2.56 -4.99
C LEU A 94 33.13 2.42 -3.83
N LEU A 95 32.70 1.77 -2.74
CA LEU A 95 33.46 1.75 -1.50
C LEU A 95 34.21 0.42 -1.27
N LYS A 96 34.18 -0.50 -2.25
CA LYS A 96 34.64 -1.86 -1.99
C LYS A 96 36.12 -1.91 -1.59
N SER A 97 36.96 -1.01 -2.06
CA SER A 97 38.34 -1.10 -1.58
C SER A 97 38.49 -0.50 -0.18
N LEU A 98 37.54 0.30 0.28
CA LEU A 98 37.54 0.77 1.65
C LEU A 98 36.91 -0.24 2.61
N SER A 99 35.81 -0.88 2.21
CA SER A 99 35.14 -1.76 3.15
C SER A 99 34.20 -2.69 2.42
N PRO A 100 34.09 -3.96 2.82
CA PRO A 100 33.01 -4.80 2.30
C PRO A 100 31.73 -4.70 3.09
N TYR A 101 31.70 -3.93 4.17
CA TYR A 101 30.51 -3.84 5.02
C TYR A 101 29.80 -2.53 4.73
N VAL A 102 29.11 -2.49 3.60
CA VAL A 102 28.35 -1.31 3.17
C VAL A 102 26.89 -1.73 3.09
N LYS A 103 26.01 -0.98 3.76
CA LYS A 103 24.56 -1.14 3.63
C LYS A 103 24.02 0.09 2.92
N VAL A 104 23.00 -0.10 2.09
CA VAL A 104 22.36 1.01 1.40
C VAL A 104 20.85 0.84 1.55
N LYS A 105 20.16 1.92 1.96
CA LYS A 105 18.70 1.95 2.10
C LYS A 105 18.17 3.24 1.49
N ASN A 106 16.90 3.20 1.08
CA ASN A 106 16.20 4.42 0.72
C ASN A 106 16.15 5.37 1.93
N ASP A 107 16.16 6.67 1.64
CA ASP A 107 16.21 7.66 2.71
C ASP A 107 15.00 7.58 3.64
N VAL A 108 13.81 7.25 3.13
CA VAL A 108 12.64 7.17 4.02
C VAL A 108 12.65 5.89 4.85
N ASN A 109 13.06 4.77 4.24
CA ASN A 109 13.35 3.58 5.03
C ASN A 109 14.25 3.91 6.20
N ALA A 110 15.34 4.64 5.93
CA ALA A 110 16.29 4.95 6.99
C ALA A 110 15.68 5.91 8.02
N ALA A 111 14.94 6.90 7.57
CA ALA A 111 14.33 7.85 8.50
C ALA A 111 13.35 7.14 9.44
N LEU A 112 12.50 6.27 8.88
CA LEU A 112 11.55 5.53 9.68
C LEU A 112 12.25 4.61 10.66
N LEU A 113 13.23 3.85 10.18
CA LEU A 113 13.96 2.93 11.06
C LEU A 113 14.71 3.69 12.15
N GLY A 114 15.32 4.82 11.79
CA GLY A 114 15.97 5.64 12.81
C GLY A 114 14.97 6.19 13.80
N GLU A 115 13.83 6.68 13.29
CA GLU A 115 12.77 7.18 14.17
C GLU A 115 12.32 6.12 15.15
N LEU A 116 12.13 4.89 14.67
CA LEU A 116 11.59 3.83 15.50
C LEU A 116 12.62 3.30 16.47
N LYS A 117 13.91 3.44 16.16
CA LYS A 117 14.96 3.10 17.11
C LYS A 117 15.05 4.11 18.24
N LEU A 118 14.67 5.36 18.00
CA LEU A 118 14.76 6.40 19.02
C LEU A 118 13.46 6.61 19.78
N HIS A 119 12.32 6.22 19.21
CA HIS A 119 11.02 6.54 19.80
C HIS A 119 10.07 5.38 19.63
N GLN A 120 9.40 5.01 20.70
CA GLN A 120 8.43 3.92 20.67
C GLN A 120 7.06 4.47 20.36
N TYR A 121 6.25 3.66 19.67
CA TYR A 121 4.90 4.02 19.28
C TYR A 121 3.97 2.84 19.55
N GLN A 122 2.71 3.17 19.82
CA GLN A 122 1.70 2.14 20.02
C GLN A 122 1.33 1.46 18.71
N ALA A 123 1.24 2.21 17.63
CA ALA A 123 0.80 1.68 16.36
C ALA A 123 1.67 0.50 15.93
N GLU A 124 1.02 -0.54 15.41
CA GLU A 124 1.75 -1.67 14.84
C GLU A 124 2.18 -1.40 13.41
N ARG A 125 1.35 -0.68 12.66
CA ARG A 125 1.63 -0.36 11.27
C ARG A 125 1.90 1.13 11.16
N ILE A 126 3.10 1.48 10.74
CA ILE A 126 3.53 2.87 10.71
C ILE A 126 3.97 3.22 9.29
N PHE A 127 3.33 4.22 8.71
CA PHE A 127 3.79 4.77 7.46
C PHE A 127 4.56 6.07 7.71
N CYS A 128 5.68 6.22 7.01
CA CYS A 128 6.44 7.46 7.08
C CYS A 128 6.48 8.12 5.72
N MET A 129 6.06 9.38 5.66
CA MET A 129 6.18 10.19 4.46
C MET A 129 7.09 11.37 4.75
N THR A 130 8.12 11.55 3.95
CA THR A 130 8.96 12.73 4.10
C THR A 130 8.53 13.79 3.09
N LEU A 131 8.46 15.03 3.55
CA LEU A 131 8.21 16.17 2.70
C LEU A 131 9.49 16.99 2.64
N GLY A 132 10.05 17.13 1.44
CA GLY A 132 11.23 17.95 1.28
C GLY A 132 11.51 18.23 -0.17
N THR A 133 12.78 18.10 -0.56
CA THR A 133 13.19 18.17 -1.96
C THR A 133 12.31 17.31 -2.84
N GLY A 134 12.22 16.03 -2.47
CA GLY A 134 11.27 15.11 -3.04
C GLY A 134 10.27 14.70 -1.95
N ILE A 135 9.36 13.83 -2.35
CA ILE A 135 8.44 13.19 -1.42
C ILE A 135 8.68 11.69 -1.53
N GLY A 136 8.83 11.04 -0.38
CA GLY A 136 9.09 9.62 -0.35
C GLY A 136 8.29 8.95 0.75
N GLY A 137 8.30 7.62 0.72
CA GLY A 137 7.50 6.84 1.65
C GLY A 137 8.23 5.60 2.10
N ALA A 138 7.73 5.03 3.19
CA ALA A 138 8.18 3.74 3.70
C ALA A 138 7.13 3.29 4.71
N TYR A 139 6.94 1.99 4.80
CA TYR A 139 5.86 1.43 5.60
C TYR A 139 6.42 0.29 6.44
N LYS A 140 6.35 0.40 7.75
CA LYS A 140 6.68 -0.71 8.62
C LYS A 140 5.38 -1.46 8.90
N ASN A 141 5.32 -2.72 8.48
CA ASN A 141 4.05 -3.41 8.47
C ASN A 141 3.81 -4.09 9.81
N ASN A 142 2.77 -4.93 9.84
CA ASN A 142 2.33 -5.60 11.05
C ASN A 142 3.47 -6.40 11.70
N GLN A 143 4.19 -7.18 10.87
CA GLN A 143 5.20 -8.10 11.36
C GLN A 143 6.56 -7.46 11.56
N GLY A 144 6.64 -6.13 11.50
CA GLY A 144 7.89 -5.42 11.75
C GLY A 144 8.79 -5.22 10.56
N HIS A 145 8.46 -5.72 9.39
CA HIS A 145 9.32 -5.57 8.21
C HIS A 145 8.96 -4.31 7.44
N ILE A 146 9.95 -3.78 6.73
CA ILE A 146 9.73 -2.74 5.73
C ILE A 146 9.95 -3.39 4.38
N ASP A 147 8.88 -3.60 3.65
CA ASP A 147 8.99 -4.20 2.33
C ASP A 147 9.17 -3.11 1.27
N ASN A 148 10.13 -3.32 0.38
CA ASN A 148 10.40 -2.38 -0.71
C ASN A 148 9.71 -2.73 -2.02
N GLY A 149 8.91 -3.80 -2.09
CA GLY A 149 8.17 -4.12 -3.30
C GLY A 149 8.95 -5.03 -4.24
N GLU A 150 8.28 -5.44 -5.33
CA GLU A 150 8.84 -6.45 -6.21
C GLU A 150 10.05 -5.93 -6.97
N LEU A 151 10.05 -4.65 -7.28
CA LEU A 151 11.13 -3.99 -7.98
C LEU A 151 11.73 -2.88 -7.13
N HIS A 152 11.59 -3.02 -5.81
CA HIS A 152 12.23 -2.18 -4.82
C HIS A 152 11.64 -0.77 -4.75
N LYS A 153 10.61 -0.44 -5.52
CA LYS A 153 10.12 0.93 -5.56
C LYS A 153 8.76 1.08 -4.87
N ALA A 154 8.43 0.20 -3.94
CA ALA A 154 7.24 0.38 -3.14
C ALA A 154 7.26 1.72 -2.42
N ASN A 155 6.07 2.33 -2.26
CA ASN A 155 5.90 3.51 -1.43
C ASN A 155 6.62 4.76 -1.97
N GLU A 156 6.94 4.78 -3.25
CA GLU A 156 7.41 5.99 -3.90
C GLU A 156 6.20 6.91 -4.13
N VAL A 157 5.63 7.38 -3.03
CA VAL A 157 4.34 8.07 -3.07
C VAL A 157 4.38 9.43 -3.78
N GLY A 158 5.56 9.97 -4.09
CA GLY A 158 5.62 11.16 -4.91
C GLY A 158 4.96 11.00 -6.28
N TYR A 159 4.83 9.76 -6.77
CA TYR A 159 4.22 9.53 -8.07
C TYR A 159 2.71 9.35 -7.98
N LEU A 160 2.16 9.41 -6.77
CA LEU A 160 0.74 9.34 -6.57
C LEU A 160 0.03 10.49 -7.29
N LEU A 161 -1.22 10.26 -7.67
CA LEU A 161 -2.14 11.35 -7.99
C LEU A 161 -1.61 12.22 -9.13
N TYR A 162 -1.15 11.60 -10.20
CA TYR A 162 -0.80 12.36 -11.39
C TYR A 162 -2.04 13.00 -12.04
N ARG A 163 -1.99 14.30 -12.27
CA ARG A 163 -3.13 15.00 -12.87
C ARG A 163 -2.84 15.28 -14.34
N PRO A 164 -3.45 14.56 -15.28
CA PRO A 164 -3.15 14.80 -16.70
C PRO A 164 -3.33 16.24 -17.13
N THR A 165 -4.37 16.92 -16.64
CA THR A 165 -4.62 18.28 -17.15
C THR A 165 -3.62 19.29 -16.61
N GLU A 166 -2.92 18.98 -15.52
CA GLU A 166 -1.91 19.86 -14.97
C GLU A 166 -0.49 19.32 -15.17
N ASN A 167 -0.34 18.08 -15.62
CA ASN A 167 0.96 17.45 -15.80
C ASN A 167 1.79 17.48 -14.52
N THR A 168 1.16 17.17 -13.39
CA THR A 168 1.90 17.13 -12.12
C THR A 168 1.57 15.86 -11.35
N THR A 169 2.60 15.32 -10.70
CA THR A 169 2.48 14.30 -9.68
C THR A 169 2.32 14.95 -8.32
N PHE A 170 1.99 14.12 -7.33
CA PHE A 170 1.96 14.53 -5.93
C PHE A 170 3.21 15.31 -5.58
N GLU A 171 4.37 14.73 -5.86
CA GLU A 171 5.63 15.36 -5.50
C GLU A 171 5.80 16.71 -6.21
N GLN A 172 5.33 16.82 -7.45
CA GLN A 172 5.50 18.10 -8.14
C GLN A 172 4.56 19.17 -7.62
N ARG A 173 3.63 18.81 -6.75
CA ARG A 173 2.76 19.79 -6.12
C ARG A 173 3.12 20.05 -4.68
N ALA A 174 3.70 19.09 -3.97
CA ALA A 174 3.90 19.20 -2.55
C ALA A 174 5.36 19.25 -2.12
N ALA A 175 6.30 19.09 -3.04
CA ALA A 175 7.71 19.19 -2.68
C ALA A 175 8.13 20.65 -2.52
N THR A 176 9.27 20.83 -1.85
CA THR A 176 9.70 22.17 -1.49
C THR A 176 9.73 23.10 -2.70
N SER A 177 10.31 22.63 -3.81
CA SER A 177 10.39 23.49 -4.99
C SER A 177 9.00 23.92 -5.44
N ALA A 178 8.01 23.05 -5.25
CA ALA A 178 6.65 23.40 -5.62
C ALA A 178 6.07 24.44 -4.66
N LEU A 179 6.28 24.23 -3.35
CA LEU A 179 5.81 25.19 -2.35
C LEU A 179 6.46 26.57 -2.57
N LYS A 180 7.76 26.63 -2.88
CA LYS A 180 8.38 27.91 -3.18
C LYS A 180 7.76 28.55 -4.40
N LYS A 181 7.56 27.77 -5.47
CA LYS A 181 6.82 28.29 -6.62
C LYS A 181 5.45 28.85 -6.20
N ARG A 182 4.74 28.12 -5.36
CA ARG A 182 3.45 28.61 -4.88
C ARG A 182 3.61 29.89 -4.08
N MET A 183 4.70 30.00 -3.31
CA MET A 183 4.96 31.22 -2.57
C MET A 183 5.14 32.38 -3.52
N ILE A 184 5.99 32.20 -4.52
CA ILE A 184 6.21 33.26 -5.51
C ILE A 184 4.96 33.48 -6.33
N ALA A 185 4.31 32.41 -6.76
CA ALA A 185 3.08 32.54 -7.53
C ALA A 185 2.00 33.22 -6.69
N GLY A 186 1.96 32.93 -5.40
CA GLY A 186 0.96 33.53 -4.53
C GLY A 186 1.30 34.91 -3.99
N GLY A 187 2.28 35.59 -4.55
CA GLY A 187 2.53 36.95 -4.12
C GLY A 187 3.19 37.09 -2.77
N PHE A 188 3.68 36.00 -2.18
CA PHE A 188 4.21 36.09 -0.83
C PHE A 188 5.45 36.98 -0.76
N THR A 189 5.43 37.88 0.23
CA THR A 189 6.34 39.02 0.27
C THR A 189 7.69 38.65 0.89
N ARG A 190 7.67 38.07 2.09
CA ARG A 190 8.84 38.11 2.96
C ARG A 190 10.06 37.39 2.37
N SER A 191 9.87 36.24 1.78
CA SER A 191 11.04 35.45 1.39
C SER A 191 10.54 34.24 0.61
N THR A 192 11.48 33.42 0.18
CA THR A 192 11.15 32.16 -0.46
C THR A 192 11.72 31.01 0.35
N HIS A 193 11.80 31.18 1.67
CA HIS A 193 12.32 30.20 2.61
C HIS A 193 11.15 29.61 3.41
N VAL A 194 10.96 28.29 3.31
CA VAL A 194 9.75 27.66 3.86
C VAL A 194 9.58 27.97 5.34
N PRO A 195 10.61 27.91 6.19
CA PRO A 195 10.41 28.31 7.59
C PRO A 195 9.81 29.70 7.73
N VAL A 196 10.24 30.64 6.89
CA VAL A 196 9.73 32.01 6.93
C VAL A 196 8.25 32.04 6.59
N LEU A 197 7.83 31.21 5.63
CA LEU A 197 6.42 31.12 5.29
C LEU A 197 5.58 30.72 6.51
N PHE A 198 6.03 29.71 7.26
CA PHE A 198 5.31 29.32 8.47
C PHE A 198 5.33 30.42 9.52
N GLU A 199 6.51 31.02 9.77
CA GLU A 199 6.54 32.15 10.71
C GLU A 199 5.55 33.23 10.32
N ALA A 200 5.47 33.55 9.03
CA ALA A 200 4.56 34.60 8.58
C ALA A 200 3.10 34.22 8.85
N ALA A 201 2.72 32.98 8.52
CA ALA A 201 1.36 32.55 8.81
C ALA A 201 1.06 32.59 10.31
N GLU A 202 2.05 32.26 11.14
CA GLU A 202 1.83 32.33 12.59
C GLU A 202 1.59 33.75 13.06
N GLU A 203 2.22 34.72 12.41
CA GLU A 203 2.09 36.14 12.73
C GLU A 203 0.96 36.80 11.97
N GLY A 204 -0.05 36.04 11.55
CA GLY A 204 -1.27 36.53 10.92
C GLY A 204 -1.08 37.14 9.53
N ASP A 205 -0.39 36.43 8.66
CA ASP A 205 -0.17 36.87 7.28
C ASP A 205 -1.12 36.03 6.41
N ASP A 206 -2.13 36.69 5.84
CA ASP A 206 -3.20 35.97 5.16
C ASP A 206 -2.70 35.31 3.87
N ILE A 207 -1.70 35.90 3.23
CA ILE A 207 -1.17 35.28 2.03
C ILE A 207 -0.37 34.03 2.38
N ALA A 208 0.46 34.13 3.41
CA ALA A 208 1.18 32.94 3.89
C ALA A 208 0.20 31.84 4.24
N LYS A 209 -0.90 32.20 4.89
CA LYS A 209 -1.89 31.21 5.29
C LYS A 209 -2.54 30.54 4.08
N GLN A 210 -2.93 31.35 3.09
CA GLN A 210 -3.62 30.81 1.92
C GLN A 210 -2.72 29.84 1.16
N ILE A 211 -1.44 30.20 1.04
CA ILE A 211 -0.47 29.35 0.35
C ILE A 211 -0.28 28.05 1.10
N LEU A 212 -0.17 28.12 2.43
CA LEU A 212 0.01 26.91 3.22
C LEU A 212 -1.21 25.99 3.11
N ASN A 213 -2.41 26.56 3.20
CA ASN A 213 -3.62 25.73 3.15
C ASN A 213 -3.77 25.03 1.80
N GLU A 214 -3.64 25.78 0.71
CA GLU A 214 -3.77 25.18 -0.62
C GLU A 214 -2.72 24.09 -0.83
N TRP A 215 -1.49 24.33 -0.36
CA TRP A 215 -0.48 23.28 -0.41
C TRP A 215 -0.84 22.12 0.52
N ALA A 216 -1.29 22.40 1.74
CA ALA A 216 -1.62 21.31 2.67
C ALA A 216 -2.78 20.48 2.14
N GLU A 217 -3.67 21.11 1.37
CA GLU A 217 -4.73 20.39 0.68
C GLU A 217 -4.16 19.32 -0.25
N ASP A 218 -3.12 19.67 -1.03
CA ASP A 218 -2.50 18.67 -1.90
C ASP A 218 -1.75 17.60 -1.09
N VAL A 219 -1.10 17.97 0.01
CA VAL A 219 -0.41 16.98 0.84
C VAL A 219 -1.42 16.00 1.43
N ALA A 220 -2.52 16.53 1.99
CA ALA A 220 -3.58 15.71 2.58
C ALA A 220 -4.20 14.77 1.55
N GLU A 221 -4.40 15.25 0.32
CA GLU A 221 -4.92 14.38 -0.72
C GLU A 221 -4.02 13.16 -0.90
N GLY A 222 -2.71 13.37 -0.93
CA GLY A 222 -1.80 12.24 -1.03
C GLY A 222 -1.83 11.36 0.20
N ILE A 223 -1.83 11.97 1.39
CA ILE A 223 -1.86 11.17 2.61
C ILE A 223 -3.10 10.28 2.61
N ALA A 224 -4.21 10.80 2.09
CA ALA A 224 -5.45 10.04 2.10
C ALA A 224 -5.34 8.75 1.29
N GLN A 225 -4.66 8.79 0.13
CA GLN A 225 -4.48 7.58 -0.66
C GLN A 225 -3.65 6.53 0.10
N ILE A 226 -2.60 6.98 0.79
CA ILE A 226 -1.80 6.10 1.66
C ILE A 226 -2.69 5.48 2.73
N GLN A 227 -3.50 6.32 3.37
CA GLN A 227 -4.45 5.87 4.38
C GLN A 227 -5.39 4.79 3.82
N VAL A 228 -5.96 5.05 2.66
CA VAL A 228 -6.93 4.11 2.09
C VAL A 228 -6.27 2.76 1.78
N MET A 229 -5.09 2.77 1.14
CA MET A 229 -4.37 1.53 0.87
C MET A 229 -4.04 0.78 2.17
N TYR A 230 -3.33 1.46 3.09
CA TYR A 230 -2.68 0.74 4.18
C TYR A 230 -3.51 0.62 5.43
N ASP A 231 -4.38 1.59 5.72
CA ASP A 231 -5.10 1.64 6.98
C ASP A 231 -4.09 1.51 8.13
N PRO A 232 -3.04 2.33 8.13
CA PRO A 232 -1.97 2.18 9.12
C PRO A 232 -2.42 2.66 10.49
N GLY A 233 -1.70 2.23 11.52
CA GLY A 233 -1.97 2.77 12.86
C GLY A 233 -1.44 4.18 13.06
N LEU A 234 -0.48 4.60 12.25
CA LEU A 234 0.19 5.88 12.46
C LEU A 234 0.80 6.33 11.15
N ILE A 235 0.69 7.62 10.85
CA ILE A 235 1.36 8.20 9.69
C ILE A 235 2.31 9.28 10.21
N LEU A 236 3.61 9.03 10.10
CA LEU A 236 4.64 9.98 10.46
C LEU A 236 5.02 10.82 9.26
N ILE A 237 5.10 12.13 9.44
CA ILE A 237 5.60 13.07 8.43
C ILE A 237 7.01 13.45 8.83
N GLY A 238 7.99 13.10 8.00
CA GLY A 238 9.37 13.45 8.23
C GLY A 238 9.87 14.47 7.21
N GLY A 239 11.18 14.60 7.17
CA GLY A 239 11.82 15.61 6.34
C GLY A 239 12.03 16.91 7.10
N GLY A 240 12.78 17.82 6.46
CA GLY A 240 13.15 19.06 7.12
C GLY A 240 11.96 19.76 7.75
N ILE A 241 10.83 19.79 7.05
CA ILE A 241 9.65 20.49 7.48
C ILE A 241 9.05 19.92 8.78
N SER A 242 9.39 18.69 9.15
CA SER A 242 8.87 18.12 10.38
C SER A 242 9.22 18.95 11.61
N GLU A 243 10.24 19.81 11.54
CA GLU A 243 10.54 20.61 12.72
C GLU A 243 9.42 21.59 13.03
N GLN A 244 8.53 21.88 12.07
CA GLN A 244 7.34 22.70 12.39
C GLN A 244 6.42 22.01 13.38
N GLY A 245 6.52 20.69 13.54
CA GLY A 245 5.72 19.99 14.53
C GLY A 245 4.23 20.23 14.29
N ASP A 246 3.50 20.55 15.37
CA ASP A 246 2.06 20.72 15.25
C ASP A 246 1.69 21.88 14.36
N ASN A 247 2.59 22.86 14.19
CA ASN A 247 2.30 23.92 13.25
C ASN A 247 2.25 23.42 11.81
N LEU A 248 2.86 22.26 11.52
CA LEU A 248 2.66 21.63 10.22
C LEU A 248 1.40 20.77 10.23
N ILE A 249 1.27 19.91 11.23
CA ILE A 249 0.15 18.98 11.33
C ILE A 249 -1.19 19.68 11.25
N LYS A 250 -1.31 20.84 11.94
CA LYS A 250 -2.60 21.53 12.03
C LYS A 250 -3.10 21.93 10.65
N TYR A 251 -2.21 22.14 9.69
CA TYR A 251 -2.62 22.42 8.32
C TYR A 251 -3.04 21.15 7.58
N ILE A 252 -2.35 20.04 7.82
CA ILE A 252 -2.52 18.88 6.97
C ILE A 252 -3.53 17.91 7.54
N GLU A 253 -3.49 17.63 8.85
CA GLU A 253 -4.28 16.52 9.36
C GLU A 253 -5.78 16.72 9.16
N PRO A 254 -6.38 17.87 9.53
CA PRO A 254 -7.83 17.99 9.31
C PRO A 254 -8.21 17.82 7.86
N LYS A 255 -7.35 18.20 6.92
CA LYS A 255 -7.72 18.16 5.51
C LYS A 255 -7.75 16.74 4.96
N VAL A 256 -7.12 15.78 5.62
CA VAL A 256 -7.14 14.39 5.14
C VAL A 256 -8.58 13.88 5.06
N ALA A 257 -9.45 14.36 5.96
CA ALA A 257 -10.87 13.98 5.95
C ALA A 257 -11.59 14.41 4.66
N HIS A 258 -11.10 15.42 3.94
CA HIS A 258 -11.76 15.86 2.72
C HIS A 258 -11.75 14.78 1.63
N TYR A 259 -10.82 13.84 1.67
CA TYR A 259 -10.71 12.85 0.61
C TYR A 259 -11.14 11.45 1.06
N LEU A 260 -11.84 11.38 2.18
CA LEU A 260 -12.29 10.13 2.78
C LEU A 260 -13.77 10.27 3.10
N PRO A 261 -14.50 9.16 3.19
CA PRO A 261 -15.92 9.22 3.58
C PRO A 261 -16.12 9.84 4.96
N LYS A 262 -17.34 10.33 5.18
CA LYS A 262 -17.60 11.12 6.38
C LYS A 262 -17.30 10.33 7.66
N ASP A 263 -17.62 9.04 7.67
CA ASP A 263 -17.48 8.24 8.88
C ASP A 263 -16.20 7.41 8.89
N TYR A 264 -15.25 7.70 8.00
CA TYR A 264 -14.04 6.91 7.88
C TYR A 264 -12.98 7.37 8.87
N VAL A 265 -12.47 6.44 9.66
CA VAL A 265 -11.51 6.72 10.71
C VAL A 265 -10.11 6.58 10.15
N TYR A 266 -9.36 7.67 10.09
CA TYR A 266 -8.01 7.55 9.61
C TYR A 266 -7.00 7.70 10.75
N ALA A 267 -5.76 7.33 10.43
CA ALA A 267 -4.71 7.27 11.43
C ALA A 267 -4.36 8.67 11.94
N PRO A 268 -3.87 8.77 13.17
CA PRO A 268 -3.23 10.02 13.59
C PRO A 268 -2.06 10.33 12.67
N ILE A 269 -1.90 11.61 12.40
CA ILE A 269 -0.84 12.11 11.56
C ILE A 269 0.03 13.01 12.42
N GLN A 270 1.30 12.65 12.54
CA GLN A 270 2.24 13.29 13.44
C GLN A 270 3.53 13.56 12.70
N THR A 271 4.31 14.53 13.20
CA THR A 271 5.66 14.67 12.70
C THR A 271 6.55 13.68 13.44
N THR A 272 7.64 13.31 12.79
CA THR A 272 8.67 12.51 13.43
C THR A 272 9.25 13.26 14.61
N LYS A 273 9.52 12.54 15.70
CA LYS A 273 10.15 13.15 16.87
C LYS A 273 11.61 13.45 16.62
N SER A 274 12.30 12.57 15.90
CA SER A 274 13.62 12.91 15.36
C SER A 274 13.47 13.86 14.16
N LYS A 275 14.16 15.00 14.20
CA LYS A 275 13.97 16.02 13.16
C LYS A 275 15.03 15.98 12.07
N ASN A 276 16.28 15.77 12.41
CA ASN A 276 17.37 15.86 11.46
C ASN A 276 18.11 14.55 11.25
N ASP A 277 18.30 13.77 12.31
CA ASP A 277 19.26 12.68 12.35
C ASP A 277 18.66 11.30 12.13
N ALA A 278 17.34 11.18 11.98
CA ALA A 278 16.73 9.87 11.96
C ALA A 278 17.43 8.94 10.97
N ALA A 279 17.68 9.42 9.75
CA ALA A 279 18.21 8.57 8.69
C ALA A 279 19.64 8.12 8.99
N LEU A 280 20.43 8.95 9.66
CA LEU A 280 21.78 8.51 10.00
C LEU A 280 21.74 7.31 10.93
N TYR A 281 20.78 7.24 11.84
CA TYR A 281 20.67 6.04 12.67
C TYR A 281 20.07 4.89 11.87
N GLY A 282 19.08 5.20 11.02
CA GLY A 282 18.35 4.17 10.30
C GLY A 282 19.18 3.44 9.26
N CYS A 283 20.17 4.10 8.66
CA CYS A 283 20.90 3.44 7.59
C CYS A 283 21.82 2.35 8.11
N LEU A 284 22.05 2.30 9.43
CA LEU A 284 22.80 1.22 10.04
C LEU A 284 21.92 0.04 10.47
N GLN A 285 20.59 0.21 10.46
CA GLN A 285 19.62 -0.85 10.78
C GLN A 285 19.37 -1.87 9.66
N TYR B 1 -17.29 -32.42 4.62
CA TYR B 1 -17.87 -31.30 3.82
C TYR B 1 -17.82 -29.93 4.51
N TYR B 2 -17.32 -28.92 3.79
CA TYR B 2 -17.30 -27.54 4.24
C TYR B 2 -18.42 -26.78 3.54
N ILE B 3 -18.96 -25.78 4.23
CA ILE B 3 -19.96 -24.88 3.68
C ILE B 3 -19.31 -23.54 3.39
N ALA B 4 -19.41 -23.08 2.15
CA ALA B 4 -18.87 -21.80 1.73
C ALA B 4 -20.02 -20.89 1.31
N ILE B 5 -19.93 -19.62 1.68
CA ILE B 5 -20.97 -18.64 1.36
C ILE B 5 -20.29 -17.33 0.99
N ASP B 6 -20.70 -16.73 -0.12
CA ASP B 6 -20.04 -15.53 -0.63
C ASP B 6 -21.12 -14.47 -0.74
N ILE B 7 -21.00 -13.40 0.02
CA ILE B 7 -22.06 -12.40 0.11
C ILE B 7 -21.62 -11.14 -0.62
N GLY B 8 -22.36 -10.78 -1.67
CA GLY B 8 -22.21 -9.51 -2.36
C GLY B 8 -23.47 -8.68 -2.22
N GLY B 9 -23.43 -7.49 -2.81
CA GLY B 9 -24.61 -6.65 -2.81
C GLY B 9 -25.72 -7.19 -3.69
N THR B 10 -25.36 -7.88 -4.77
CA THR B 10 -26.31 -8.40 -5.75
C THR B 10 -26.63 -9.88 -5.55
N GLN B 11 -25.65 -10.71 -5.25
CA GLN B 11 -25.90 -12.13 -5.17
C GLN B 11 -25.28 -12.69 -3.90
N ILE B 12 -25.88 -13.74 -3.38
CA ILE B 12 -25.24 -14.60 -2.41
C ILE B 12 -25.00 -15.92 -3.11
N LYS B 13 -23.76 -16.35 -3.16
CA LYS B 13 -23.41 -17.63 -3.72
C LYS B 13 -23.01 -18.56 -2.60
N SER B 14 -23.25 -19.85 -2.78
CA SER B 14 -22.85 -20.77 -1.73
C SER B 14 -22.57 -22.13 -2.33
N ALA B 15 -21.78 -22.91 -1.60
CA ALA B 15 -21.53 -24.26 -2.05
C ALA B 15 -21.09 -25.09 -0.88
N VAL B 16 -21.21 -26.39 -1.05
CA VAL B 16 -20.57 -27.35 -0.18
C VAL B 16 -19.30 -27.79 -0.89
N ILE B 17 -18.20 -27.83 -0.16
CA ILE B 17 -16.89 -28.18 -0.72
C ILE B 17 -16.34 -29.29 0.15
N ASP B 18 -15.66 -30.26 -0.48
CA ASP B 18 -15.06 -31.35 0.28
C ASP B 18 -13.55 -31.12 0.41
N LYS B 19 -12.88 -32.08 1.06
CA LYS B 19 -11.46 -31.92 1.40
C LYS B 19 -10.61 -31.65 0.17
N GLN B 20 -10.92 -32.30 -0.95
CA GLN B 20 -10.18 -32.15 -2.19
C GLN B 20 -10.58 -30.92 -3.01
N LEU B 21 -11.32 -29.98 -2.43
CA LEU B 21 -11.78 -28.75 -3.08
C LEU B 21 -12.78 -28.98 -4.20
N ASN B 22 -13.46 -30.11 -4.22
CA ASN B 22 -14.55 -30.31 -5.16
C ASN B 22 -15.80 -29.60 -4.65
N MET B 23 -16.48 -28.88 -5.54
CA MET B 23 -17.66 -28.10 -5.19
C MET B 23 -18.93 -28.86 -5.58
N PHE B 24 -19.83 -29.03 -4.62
CA PHE B 24 -21.13 -29.67 -4.82
C PHE B 24 -22.20 -28.63 -4.52
N ASP B 25 -23.38 -28.83 -5.09
CA ASP B 25 -24.58 -28.13 -4.66
C ASP B 25 -24.40 -26.61 -4.69
N TYR B 26 -23.75 -26.11 -5.73
CA TYR B 26 -23.58 -24.67 -5.87
C TYR B 26 -24.93 -23.97 -5.92
N GLN B 27 -25.07 -22.88 -5.16
CA GLN B 27 -26.30 -22.09 -5.19
C GLN B 27 -25.98 -20.62 -5.39
N GLN B 28 -26.93 -19.91 -5.96
CA GLN B 28 -26.78 -18.49 -6.26
C GLN B 28 -28.17 -17.89 -6.18
N ILE B 29 -28.37 -17.00 -5.20
CA ILE B 29 -29.65 -16.32 -5.03
C ILE B 29 -29.42 -14.82 -5.01
N SER B 30 -30.48 -14.08 -5.29
CA SER B 30 -30.45 -12.65 -5.17
C SER B 30 -30.24 -12.30 -3.70
N THR B 31 -29.41 -11.29 -3.45
CA THR B 31 -29.16 -10.86 -2.07
C THR B 31 -30.37 -10.13 -1.53
N PRO B 32 -30.85 -10.46 -0.32
CA PRO B 32 -31.95 -9.69 0.27
C PRO B 32 -31.59 -8.21 0.38
N ASP B 33 -32.64 -7.37 0.40
CA ASP B 33 -32.45 -5.93 0.52
C ASP B 33 -31.87 -5.51 1.87
N ASN B 34 -31.88 -6.41 2.86
CA ASN B 34 -31.41 -6.14 4.22
C ASN B 34 -32.21 -5.04 4.91
N LYS B 35 -33.43 -4.77 4.42
CA LYS B 35 -34.38 -3.92 5.11
C LYS B 35 -35.45 -4.80 5.74
N SER B 36 -36.34 -5.40 4.94
CA SER B 36 -37.34 -6.33 5.46
C SER B 36 -36.95 -7.80 5.32
N GLU B 37 -36.11 -8.14 4.35
CA GLU B 37 -35.56 -9.47 4.24
C GLU B 37 -34.09 -9.37 4.59
N LEU B 38 -33.64 -10.12 5.61
CA LEU B 38 -32.31 -9.88 6.15
C LEU B 38 -31.30 -10.85 5.58
N ILE B 39 -30.09 -10.34 5.31
CA ILE B 39 -28.98 -11.18 4.84
C ILE B 39 -28.66 -12.28 5.86
N THR B 40 -28.62 -11.92 7.15
CA THR B 40 -28.34 -12.93 8.16
C THR B 40 -29.36 -14.07 8.10
N ASP B 41 -30.63 -13.75 7.89
CA ASP B 41 -31.65 -14.79 7.83
C ASP B 41 -31.39 -15.75 6.67
N LYS B 42 -31.02 -15.20 5.50
CA LYS B 42 -30.76 -16.03 4.32
C LYS B 42 -29.50 -16.86 4.51
N VAL B 43 -28.47 -16.28 5.11
CA VAL B 43 -27.25 -17.02 5.39
C VAL B 43 -27.55 -18.17 6.35
N TYR B 44 -28.32 -17.89 7.39
CA TYR B 44 -28.68 -18.93 8.34
C TYR B 44 -29.45 -20.04 7.64
N GLU B 45 -30.38 -19.68 6.74
CA GLU B 45 -31.13 -20.77 6.11
C GLU B 45 -30.30 -21.48 5.04
N ILE B 46 -29.39 -20.79 4.35
CA ILE B 46 -28.47 -21.51 3.47
C ILE B 46 -27.70 -22.56 4.26
N VAL B 47 -27.18 -22.19 5.44
CA VAL B 47 -26.40 -23.13 6.24
C VAL B 47 -27.27 -24.29 6.70
N THR B 48 -28.43 -23.98 7.30
CA THR B 48 -29.28 -25.05 7.80
C THR B 48 -29.76 -25.94 6.65
N GLY B 49 -29.96 -25.36 5.45
CA GLY B 49 -30.31 -26.18 4.30
C GLY B 49 -29.24 -27.19 3.95
N TYR B 50 -27.97 -26.78 3.95
CA TYR B 50 -26.89 -27.75 3.74
C TYR B 50 -26.78 -28.72 4.91
N MET B 51 -26.92 -28.23 6.14
CA MET B 51 -26.88 -29.15 7.25
C MET B 51 -27.98 -30.20 7.16
N LYS B 52 -29.19 -29.78 6.77
CA LYS B 52 -30.29 -30.74 6.62
C LYS B 52 -30.02 -31.70 5.47
N GLN B 53 -29.65 -31.16 4.31
CA GLN B 53 -29.47 -32.01 3.13
C GLN B 53 -28.46 -33.12 3.39
N TYR B 54 -27.35 -32.80 4.07
CA TYR B 54 -26.23 -33.71 4.20
C TYR B 54 -26.02 -34.24 5.62
N GLN B 55 -26.96 -34.00 6.52
CA GLN B 55 -26.89 -34.52 7.89
C GLN B 55 -25.56 -34.16 8.53
N LEU B 56 -25.24 -32.86 8.48
CA LEU B 56 -23.98 -32.30 8.98
C LEU B 56 -24.12 -31.79 10.41
N ILE B 57 -23.19 -32.23 11.25
CA ILE B 57 -23.05 -31.73 12.60
C ILE B 57 -21.90 -30.74 12.62
N GLN B 58 -22.14 -29.54 13.14
CA GLN B 58 -21.09 -28.54 13.33
C GLN B 58 -20.18 -28.40 12.10
N PRO B 59 -20.75 -28.11 10.94
CA PRO B 59 -19.91 -28.04 9.74
C PRO B 59 -18.93 -26.88 9.85
N VAL B 60 -17.78 -27.02 9.22
CA VAL B 60 -16.91 -25.88 9.04
C VAL B 60 -17.55 -24.95 8.01
N ILE B 61 -17.76 -23.70 8.40
CA ILE B 61 -18.46 -22.72 7.60
C ILE B 61 -17.48 -21.60 7.29
N GLY B 62 -17.26 -21.34 6.01
CA GLY B 62 -16.50 -20.17 5.57
C GLY B 62 -17.43 -19.11 5.00
N ILE B 63 -17.23 -17.87 5.43
CA ILE B 63 -18.01 -16.77 4.90
C ILE B 63 -17.09 -15.73 4.28
N SER B 64 -17.34 -15.45 3.01
CA SER B 64 -16.73 -14.33 2.31
C SER B 64 -17.79 -13.23 2.19
N SER B 65 -17.44 -11.98 2.51
CA SER B 65 -18.45 -10.93 2.41
C SER B 65 -17.86 -9.60 1.98
N ALA B 66 -18.60 -8.89 1.14
CA ALA B 66 -18.33 -7.46 0.96
C ALA B 66 -18.38 -6.78 2.32
N GLY B 67 -17.63 -5.69 2.43
CA GLY B 67 -17.52 -4.92 3.65
C GLY B 67 -16.22 -5.21 4.38
N VAL B 68 -15.87 -4.32 5.30
CA VAL B 68 -14.68 -4.48 6.10
C VAL B 68 -14.95 -5.52 7.17
N VAL B 69 -14.14 -6.56 7.20
CA VAL B 69 -14.35 -7.70 8.09
C VAL B 69 -13.26 -7.69 9.15
N ASP B 70 -13.67 -7.64 10.42
CA ASP B 70 -12.78 -8.01 11.53
C ASP B 70 -12.79 -9.54 11.60
N GLU B 71 -11.74 -10.17 11.04
CA GLU B 71 -11.73 -11.62 10.87
C GLU B 71 -11.76 -12.35 12.21
N GLN B 72 -11.08 -11.84 13.23
CA GLN B 72 -11.05 -12.55 14.50
C GLN B 72 -12.45 -12.56 15.13
N LYS B 73 -13.11 -11.40 15.10
CA LYS B 73 -14.48 -11.24 15.58
C LYS B 73 -15.51 -11.90 14.68
N GLY B 74 -15.17 -12.11 13.41
CA GLY B 74 -16.14 -12.53 12.44
C GLY B 74 -17.22 -11.52 12.16
N GLU B 75 -16.88 -10.24 12.05
CA GLU B 75 -17.89 -9.18 12.07
C GLU B 75 -17.65 -8.15 10.97
N ILE B 76 -18.74 -7.65 10.38
CA ILE B 76 -18.66 -6.49 9.50
C ILE B 76 -18.46 -5.27 10.40
N VAL B 77 -17.26 -4.67 10.40
CA VAL B 77 -17.02 -3.50 11.25
C VAL B 77 -17.09 -2.18 10.48
N TYR B 78 -17.29 -2.23 9.17
CA TYR B 78 -17.44 -1.04 8.34
C TYR B 78 -17.99 -1.44 6.97
N ALA B 79 -18.97 -0.70 6.49
CA ALA B 79 -19.66 -1.07 5.25
C ALA B 79 -20.11 0.15 4.47
N GLY B 80 -19.75 0.23 3.18
CA GLY B 80 -20.29 1.20 2.26
C GLY B 80 -21.78 1.01 2.04
N PRO B 81 -22.39 1.89 1.26
CA PRO B 81 -23.86 1.92 1.15
C PRO B 81 -24.44 0.85 0.24
N THR B 82 -23.63 0.05 -0.45
CA THR B 82 -24.16 -1.03 -1.28
C THR B 82 -25.05 -1.99 -0.48
N ILE B 83 -24.64 -2.34 0.74
CA ILE B 83 -25.48 -3.13 1.65
C ILE B 83 -25.86 -2.24 2.83
N PRO B 84 -27.13 -1.89 2.99
CA PRO B 84 -27.51 -1.03 4.12
C PRO B 84 -27.56 -1.81 5.43
N ASN B 85 -27.27 -1.11 6.53
CA ASN B 85 -27.44 -1.65 7.88
C ASN B 85 -26.54 -2.84 8.13
N TYR B 86 -25.40 -2.88 7.45
CA TYR B 86 -24.59 -4.08 7.47
C TYR B 86 -23.55 -4.07 8.59
N LYS B 87 -23.11 -2.89 9.01
CA LYS B 87 -22.14 -2.79 10.10
C LYS B 87 -22.69 -3.48 11.34
N GLY B 88 -21.85 -4.27 12.00
CA GLY B 88 -22.25 -4.96 13.21
C GLY B 88 -22.70 -6.39 12.97
N THR B 89 -22.91 -6.78 11.71
CA THR B 89 -23.28 -8.16 11.39
C THR B 89 -22.16 -9.11 11.79
N ASN B 90 -22.42 -9.99 12.75
CA ASN B 90 -21.42 -10.91 13.26
C ASN B 90 -21.83 -12.35 12.96
N PHE B 91 -21.15 -12.97 11.99
CA PHE B 91 -21.53 -14.29 11.50
C PHE B 91 -21.15 -15.40 12.46
N LYS B 92 -20.10 -15.21 13.26
CA LYS B 92 -19.78 -16.20 14.28
C LYS B 92 -20.91 -16.29 15.30
N ARG B 93 -21.42 -15.13 15.73
CA ARG B 93 -22.51 -15.11 16.68
C ARG B 93 -23.79 -15.65 16.03
N LEU B 94 -24.11 -15.13 14.84
CA LEU B 94 -25.26 -15.63 14.06
C LEU B 94 -25.31 -17.14 14.00
N LEU B 95 -24.19 -17.79 13.73
CA LEU B 95 -24.18 -19.21 13.42
C LEU B 95 -23.72 -20.07 14.58
N LYS B 96 -23.53 -19.49 15.77
CA LYS B 96 -22.83 -20.22 16.84
C LYS B 96 -23.57 -21.48 17.26
N SER B 97 -24.90 -21.51 17.16
CA SER B 97 -25.60 -22.74 17.54
C SER B 97 -25.54 -23.80 16.45
N LEU B 98 -25.24 -23.42 15.22
CA LEU B 98 -25.01 -24.40 14.17
C LEU B 98 -23.58 -24.92 14.22
N SER B 99 -22.60 -24.04 14.51
CA SER B 99 -21.22 -24.49 14.43
C SER B 99 -20.30 -23.52 15.15
N PRO B 100 -19.27 -24.01 15.84
CA PRO B 100 -18.24 -23.10 16.36
C PRO B 100 -17.13 -22.84 15.36
N TYR B 101 -17.16 -23.47 14.18
CA TYR B 101 -16.10 -23.36 13.19
C TYR B 101 -16.57 -22.45 12.05
N VAL B 102 -16.56 -21.15 12.29
CA VAL B 102 -16.96 -20.15 11.30
C VAL B 102 -15.78 -19.23 11.05
N LYS B 103 -15.38 -19.09 9.79
CA LYS B 103 -14.41 -18.07 9.39
C LYS B 103 -15.15 -17.03 8.54
N VAL B 104 -14.72 -15.77 8.66
CA VAL B 104 -15.30 -14.65 7.90
C VAL B 104 -14.15 -13.84 7.32
N LYS B 105 -14.21 -13.56 6.02
CA LYS B 105 -13.19 -12.75 5.38
C LYS B 105 -13.88 -11.77 4.43
N ASN B 106 -13.17 -10.70 4.13
CA ASN B 106 -13.61 -9.81 3.06
C ASN B 106 -13.66 -10.56 1.73
N ASP B 107 -14.60 -10.16 0.86
CA ASP B 107 -14.78 -10.89 -0.40
C ASP B 107 -13.54 -10.86 -1.28
N VAL B 108 -12.75 -9.78 -1.26
CA VAL B 108 -11.57 -9.76 -2.11
C VAL B 108 -10.45 -10.59 -1.48
N ASN B 109 -10.29 -10.53 -0.16
CA ASN B 109 -9.41 -11.50 0.49
C ASN B 109 -9.74 -12.92 0.03
N ALA B 110 -11.03 -13.27 0.06
CA ALA B 110 -11.43 -14.63 -0.32
C ALA B 110 -11.17 -14.87 -1.80
N ALA B 111 -11.48 -13.89 -2.64
CA ALA B 111 -11.25 -14.08 -4.06
C ALA B 111 -9.77 -14.36 -4.33
N LEU B 112 -8.90 -13.54 -3.70
CA LEU B 112 -7.46 -13.70 -3.91
C LEU B 112 -6.96 -15.04 -3.38
N LEU B 113 -7.33 -15.40 -2.16
CA LEU B 113 -6.89 -16.68 -1.60
C LEU B 113 -7.42 -17.83 -2.44
N GLY B 114 -8.68 -17.73 -2.90
CA GLY B 114 -9.21 -18.78 -3.76
C GLY B 114 -8.47 -18.85 -5.08
N GLU B 115 -8.23 -17.68 -5.69
CA GLU B 115 -7.46 -17.67 -6.92
C GLU B 115 -6.11 -18.33 -6.71
N LEU B 116 -5.45 -18.02 -5.59
CA LEU B 116 -4.10 -18.52 -5.34
C LEU B 116 -4.10 -19.99 -4.95
N LYS B 117 -5.20 -20.50 -4.41
CA LYS B 117 -5.26 -21.94 -4.15
C LYS B 117 -5.41 -22.72 -5.45
N LEU B 118 -6.00 -22.12 -6.48
CA LEU B 118 -6.27 -22.80 -7.74
C LEU B 118 -5.22 -22.56 -8.81
N HIS B 119 -4.43 -21.50 -8.71
CA HIS B 119 -3.49 -21.14 -9.76
C HIS B 119 -2.21 -20.61 -9.15
N GLN B 120 -1.07 -21.09 -9.63
CA GLN B 120 0.20 -20.61 -9.13
C GLN B 120 0.66 -19.44 -9.98
N TYR B 121 1.40 -18.53 -9.37
CA TYR B 121 1.95 -17.38 -10.06
C TYR B 121 3.40 -17.20 -9.66
N GLN B 122 4.20 -16.64 -10.56
CA GLN B 122 5.59 -16.42 -10.15
C GLN B 122 5.71 -15.25 -9.19
N ALA B 123 4.90 -14.21 -9.39
CA ALA B 123 4.98 -13.00 -8.58
C ALA B 123 4.88 -13.33 -7.09
N GLU B 124 5.74 -12.68 -6.30
CA GLU B 124 5.70 -12.85 -4.85
C GLU B 124 4.67 -11.94 -4.23
N ARG B 125 4.50 -10.74 -4.76
CA ARG B 125 3.53 -9.76 -4.25
C ARG B 125 2.41 -9.62 -5.26
N ILE B 126 1.21 -9.98 -4.84
CA ILE B 126 0.05 -10.01 -5.72
C ILE B 126 -1.04 -9.15 -5.10
N PHE B 127 -1.49 -8.16 -5.84
CA PHE B 127 -2.66 -7.39 -5.50
C PHE B 127 -3.85 -7.89 -6.31
N CYS B 128 -5.00 -8.01 -5.67
CA CYS B 128 -6.24 -8.32 -6.37
C CYS B 128 -7.22 -7.16 -6.23
N MET B 129 -7.73 -6.67 -7.36
CA MET B 129 -8.79 -5.67 -7.38
C MET B 129 -10.00 -6.29 -8.05
N THR B 130 -11.16 -6.25 -7.38
CA THR B 130 -12.39 -6.69 -8.03
C THR B 130 -13.19 -5.49 -8.49
N LEU B 131 -13.73 -5.60 -9.69
CA LEU B 131 -14.61 -4.63 -10.30
C LEU B 131 -15.97 -5.28 -10.41
N GLY B 132 -16.98 -4.70 -9.75
CA GLY B 132 -18.33 -5.21 -9.82
C GLY B 132 -19.29 -4.24 -9.17
N THR B 133 -20.21 -4.75 -8.35
CA THR B 133 -21.08 -3.88 -7.55
C THR B 133 -20.26 -2.82 -6.82
N GLY B 134 -19.24 -3.27 -6.11
CA GLY B 134 -18.25 -2.39 -5.53
C GLY B 134 -16.89 -2.64 -6.17
N ILE B 135 -15.91 -1.91 -5.66
CA ILE B 135 -14.52 -2.16 -5.99
C ILE B 135 -13.82 -2.43 -4.67
N GLY B 136 -13.04 -3.50 -4.62
CA GLY B 136 -12.35 -3.87 -3.42
C GLY B 136 -10.96 -4.34 -3.76
N GLY B 137 -10.13 -4.51 -2.73
CA GLY B 137 -8.76 -4.91 -2.93
C GLY B 137 -8.32 -5.88 -1.85
N ALA B 138 -7.20 -6.52 -2.13
CA ALA B 138 -6.50 -7.35 -1.16
C ALA B 138 -5.10 -7.50 -1.72
N TYR B 139 -4.15 -7.65 -0.83
CA TYR B 139 -2.75 -7.67 -1.19
C TYR B 139 -2.11 -8.84 -0.47
N LYS B 140 -1.58 -9.79 -1.22
CA LYS B 140 -0.81 -10.87 -0.62
C LYS B 140 0.64 -10.45 -0.66
N ASN B 141 1.26 -10.33 0.51
CA ASN B 141 2.53 -9.64 0.56
C ASN B 141 3.67 -10.62 0.34
N ASN B 142 4.88 -10.13 0.54
CA ASN B 142 6.08 -10.87 0.23
C ASN B 142 6.13 -12.20 0.97
N GLN B 143 5.77 -12.20 2.26
CA GLN B 143 5.88 -13.37 3.12
C GLN B 143 4.64 -14.25 3.07
N GLY B 144 3.74 -14.07 2.10
CA GLY B 144 2.59 -14.94 1.95
C GLY B 144 1.36 -14.53 2.73
N HIS B 145 1.41 -13.40 3.43
CA HIS B 145 0.35 -12.95 4.33
C HIS B 145 -0.52 -11.89 3.64
N ILE B 146 -1.82 -11.90 3.94
CA ILE B 146 -2.72 -10.83 3.54
C ILE B 146 -3.07 -10.02 4.77
N ASP B 147 -2.50 -8.83 4.88
CA ASP B 147 -2.76 -7.94 6.01
C ASP B 147 -3.99 -7.06 5.76
N ASN B 148 -4.85 -6.96 6.76
CA ASN B 148 -6.04 -6.13 6.60
C ASN B 148 -5.91 -4.73 7.19
N GLY B 149 -4.77 -4.38 7.76
CA GLY B 149 -4.55 -3.05 8.29
C GLY B 149 -4.92 -2.95 9.76
N GLU B 150 -4.63 -1.76 10.32
CA GLU B 150 -4.77 -1.58 11.76
C GLU B 150 -6.23 -1.65 12.20
N LEU B 151 -7.16 -1.21 11.35
CA LEU B 151 -8.58 -1.25 11.66
C LEU B 151 -9.32 -2.10 10.63
N HIS B 152 -8.60 -3.05 10.03
CA HIS B 152 -9.13 -4.11 9.17
C HIS B 152 -9.56 -3.60 7.81
N LYS B 153 -9.39 -2.30 7.51
CA LYS B 153 -9.94 -1.75 6.28
C LYS B 153 -8.86 -1.41 5.25
N ALA B 154 -7.72 -2.07 5.33
CA ALA B 154 -6.72 -1.91 4.29
C ALA B 154 -7.26 -2.29 2.91
N ASN B 155 -6.77 -1.59 1.89
CA ASN B 155 -7.03 -1.98 0.51
C ASN B 155 -8.49 -1.81 0.13
N GLU B 156 -9.21 -0.99 0.89
CA GLU B 156 -10.54 -0.58 0.46
C GLU B 156 -10.37 0.44 -0.67
N VAL B 157 -9.81 -0.04 -1.79
CA VAL B 157 -9.40 0.88 -2.85
C VAL B 157 -10.55 1.58 -3.55
N GLY B 158 -11.80 1.18 -3.29
CA GLY B 158 -12.93 1.93 -3.79
C GLY B 158 -12.93 3.37 -3.32
N TYR B 159 -12.26 3.65 -2.20
CA TYR B 159 -12.24 5.00 -1.64
C TYR B 159 -11.09 5.85 -2.18
N LEU B 160 -10.29 5.29 -3.08
CA LEU B 160 -9.22 6.02 -3.71
C LEU B 160 -9.75 7.18 -4.55
N LEU B 161 -8.90 8.19 -4.72
CA LEU B 161 -9.09 9.18 -5.77
C LEU B 161 -10.43 9.90 -5.66
N TYR B 162 -10.76 10.35 -4.44
CA TYR B 162 -11.95 11.20 -4.29
C TYR B 162 -11.68 12.55 -4.96
N ARG B 163 -12.56 12.92 -5.88
CA ARG B 163 -12.48 14.17 -6.62
C ARG B 163 -13.46 15.17 -6.03
N PRO B 164 -13.01 16.16 -5.26
CA PRO B 164 -13.97 17.09 -4.65
C PRO B 164 -14.90 17.77 -5.65
N THR B 165 -14.42 18.12 -6.84
CA THR B 165 -15.29 18.85 -7.75
C THR B 165 -16.34 17.95 -8.38
N GLU B 166 -16.15 16.63 -8.36
CA GLU B 166 -17.15 15.71 -8.89
C GLU B 166 -17.87 14.92 -7.80
N ASN B 167 -17.39 14.98 -6.57
CA ASN B 167 -17.98 14.24 -5.44
C ASN B 167 -18.08 12.74 -5.73
N THR B 168 -17.02 12.18 -6.30
CA THR B 168 -17.03 10.75 -6.58
C THR B 168 -15.74 10.15 -6.08
N THR B 169 -15.84 8.95 -5.53
CA THR B 169 -14.70 8.10 -5.29
C THR B 169 -14.42 7.25 -6.52
N PHE B 170 -13.26 6.59 -6.51
CA PHE B 170 -12.92 5.59 -7.53
C PHE B 170 -14.10 4.65 -7.79
N GLU B 171 -14.65 4.06 -6.72
CA GLU B 171 -15.74 3.10 -6.87
C GLU B 171 -16.98 3.75 -7.48
N GLN B 172 -17.25 5.01 -7.16
CA GLN B 172 -18.43 5.67 -7.71
C GLN B 172 -18.29 6.04 -9.18
N ARG B 173 -17.10 5.89 -9.75
CA ARG B 173 -16.84 6.12 -11.16
C ARG B 173 -16.68 4.82 -11.95
N ALA B 174 -16.21 3.75 -11.31
CA ALA B 174 -15.86 2.53 -12.01
C ALA B 174 -16.69 1.31 -11.65
N ALA B 175 -17.56 1.39 -10.66
CA ALA B 175 -18.38 0.24 -10.31
C ALA B 175 -19.49 0.04 -11.35
N THR B 176 -20.09 -1.15 -11.32
CA THR B 176 -21.05 -1.54 -12.33
C THR B 176 -22.14 -0.47 -12.49
N SER B 177 -22.73 -0.03 -11.38
CA SER B 177 -23.80 0.96 -11.48
C SER B 177 -23.30 2.26 -12.10
N ALA B 178 -22.04 2.63 -11.84
CA ALA B 178 -21.46 3.81 -12.47
C ALA B 178 -21.23 3.59 -13.95
N LEU B 179 -20.69 2.43 -14.33
CA LEU B 179 -20.51 2.13 -15.75
C LEU B 179 -21.85 2.12 -16.48
N LYS B 180 -22.89 1.56 -15.85
CA LYS B 180 -24.20 1.56 -16.47
C LYS B 180 -24.71 2.99 -16.68
N LYS B 181 -24.47 3.88 -15.72
CA LYS B 181 -24.87 5.28 -15.93
C LYS B 181 -24.07 5.89 -17.07
N ARG B 182 -22.75 5.65 -17.10
CA ARG B 182 -21.93 6.14 -18.20
C ARG B 182 -22.42 5.63 -19.55
N MET B 183 -22.93 4.40 -19.59
CA MET B 183 -23.46 3.88 -20.85
C MET B 183 -24.62 4.71 -21.34
N ILE B 184 -25.62 4.91 -20.49
CA ILE B 184 -26.77 5.73 -20.90
C ILE B 184 -26.37 7.18 -21.06
N ALA B 185 -25.52 7.69 -20.15
CA ALA B 185 -25.01 9.06 -20.32
C ALA B 185 -24.25 9.21 -21.62
N GLY B 186 -23.53 8.18 -22.04
CA GLY B 186 -22.77 8.19 -23.27
C GLY B 186 -23.55 7.80 -24.51
N GLY B 187 -24.88 7.76 -24.42
CA GLY B 187 -25.72 7.48 -25.58
C GLY B 187 -25.79 6.04 -26.03
N PHE B 188 -25.18 5.11 -25.31
CA PHE B 188 -25.25 3.69 -25.66
C PHE B 188 -26.60 3.15 -25.22
N THR B 189 -27.49 2.87 -26.16
CA THR B 189 -28.84 2.45 -25.81
C THR B 189 -29.19 1.06 -26.32
N ARG B 190 -28.28 0.38 -27.02
CA ARG B 190 -28.52 -1.00 -27.40
C ARG B 190 -29.01 -1.82 -26.21
N SER B 191 -28.47 -1.55 -25.02
CA SER B 191 -28.72 -2.34 -23.83
C SER B 191 -28.19 -1.60 -22.60
N THR B 192 -28.49 -2.16 -21.43
CA THR B 192 -27.93 -1.68 -20.17
C THR B 192 -27.20 -2.80 -19.46
N HIS B 193 -26.78 -3.80 -20.23
CA HIS B 193 -26.11 -5.01 -19.75
C HIS B 193 -24.65 -4.90 -20.15
N VAL B 194 -23.75 -4.91 -19.15
CA VAL B 194 -22.35 -4.60 -19.42
C VAL B 194 -21.74 -5.50 -20.49
N PRO B 195 -21.93 -6.82 -20.47
CA PRO B 195 -21.38 -7.66 -21.55
C PRO B 195 -21.75 -7.21 -22.94
N VAL B 196 -22.98 -6.73 -23.14
CA VAL B 196 -23.37 -6.23 -24.44
C VAL B 196 -22.54 -5.02 -24.83
N LEU B 197 -22.19 -4.19 -23.85
CA LEU B 197 -21.31 -3.06 -24.13
C LEU B 197 -19.99 -3.53 -24.73
N PHE B 198 -19.39 -4.57 -24.14
CA PHE B 198 -18.14 -5.10 -24.67
C PHE B 198 -18.33 -5.73 -26.05
N GLU B 199 -19.39 -6.54 -26.21
CA GLU B 199 -19.67 -7.12 -27.52
C GLU B 199 -19.78 -6.05 -28.60
N ALA B 200 -20.44 -4.93 -28.29
CA ALA B 200 -20.59 -3.87 -29.27
C ALA B 200 -19.22 -3.27 -29.63
N ALA B 201 -18.39 -3.00 -28.62
CA ALA B 201 -17.06 -2.48 -28.91
C ALA B 201 -16.25 -3.46 -29.75
N GLU B 202 -16.38 -4.77 -29.49
CA GLU B 202 -15.61 -5.75 -30.26
C GLU B 202 -16.03 -5.78 -31.72
N GLU B 203 -17.32 -5.61 -32.00
CA GLU B 203 -17.78 -5.56 -33.37
C GLU B 203 -17.79 -4.14 -33.92
N GLY B 204 -16.92 -3.26 -33.39
CA GLY B 204 -16.65 -1.93 -33.90
C GLY B 204 -17.73 -0.87 -33.74
N ASP B 205 -18.21 -0.70 -32.52
CA ASP B 205 -19.21 0.31 -32.19
C ASP B 205 -18.46 1.43 -31.46
N ASP B 206 -18.35 2.60 -32.11
CA ASP B 206 -17.48 3.66 -31.58
C ASP B 206 -18.01 4.24 -30.28
N ILE B 207 -19.33 4.23 -30.07
CA ILE B 207 -19.87 4.74 -28.80
C ILE B 207 -19.57 3.77 -27.68
N ALA B 208 -19.72 2.47 -27.93
CA ALA B 208 -19.28 1.49 -26.94
C ALA B 208 -17.81 1.68 -26.62
N LYS B 209 -16.98 1.91 -27.64
CA LYS B 209 -15.54 2.04 -27.36
C LYS B 209 -15.24 3.30 -26.56
N GLN B 210 -15.84 4.44 -26.90
CA GLN B 210 -15.53 5.66 -26.16
C GLN B 210 -15.95 5.53 -24.69
N ILE B 211 -17.11 4.92 -24.44
CA ILE B 211 -17.55 4.73 -23.06
C ILE B 211 -16.58 3.81 -22.33
N LEU B 212 -16.17 2.71 -22.97
CA LEU B 212 -15.25 1.79 -22.33
C LEU B 212 -13.89 2.43 -22.07
N ASN B 213 -13.38 3.20 -23.04
CA ASN B 213 -12.07 3.84 -22.85
C ASN B 213 -12.12 4.85 -21.71
N GLU B 214 -13.12 5.74 -21.72
CA GLU B 214 -13.25 6.73 -20.66
C GLU B 214 -13.38 6.06 -19.29
N TRP B 215 -14.11 4.96 -19.21
CA TRP B 215 -14.21 4.20 -17.98
C TRP B 215 -12.89 3.51 -17.65
N ALA B 216 -12.26 2.85 -18.63
CA ALA B 216 -10.98 2.18 -18.35
C ALA B 216 -9.90 3.19 -17.96
N GLU B 217 -9.99 4.43 -18.46
CA GLU B 217 -9.08 5.47 -18.02
C GLU B 217 -9.18 5.68 -16.51
N ASP B 218 -10.41 5.78 -15.99
CA ASP B 218 -10.60 5.94 -14.55
C ASP B 218 -10.16 4.67 -13.80
N VAL B 219 -10.41 3.50 -14.38
CA VAL B 219 -9.94 2.27 -13.73
C VAL B 219 -8.42 2.23 -13.71
N ALA B 220 -7.78 2.57 -14.84
CA ALA B 220 -6.33 2.58 -14.91
C ALA B 220 -5.75 3.56 -13.90
N GLU B 221 -6.38 4.72 -13.73
CA GLU B 221 -5.92 5.70 -12.74
C GLU B 221 -5.87 5.08 -11.34
N GLY B 222 -6.90 4.31 -10.97
CA GLY B 222 -6.91 3.67 -9.67
C GLY B 222 -5.85 2.60 -9.55
N ILE B 223 -5.69 1.79 -10.59
CA ILE B 223 -4.65 0.78 -10.56
C ILE B 223 -3.29 1.44 -10.38
N ALA B 224 -3.08 2.60 -11.01
CA ALA B 224 -1.77 3.23 -10.92
C ALA B 224 -1.40 3.55 -9.47
N GLN B 225 -2.36 4.06 -8.67
CA GLN B 225 -2.06 4.39 -7.26
C GLN B 225 -1.69 3.14 -6.45
N ILE B 226 -2.40 2.01 -6.71
CA ILE B 226 -2.05 0.72 -6.10
C ILE B 226 -0.63 0.34 -6.50
N GLN B 227 -0.32 0.46 -7.79
CA GLN B 227 1.02 0.17 -8.30
C GLN B 227 2.06 0.99 -7.56
N VAL B 228 1.82 2.30 -7.44
CA VAL B 228 2.81 3.20 -6.84
C VAL B 228 3.06 2.83 -5.38
N MET B 229 1.98 2.58 -4.63
CA MET B 229 2.13 2.16 -3.24
C MET B 229 2.91 0.86 -3.15
N TYR B 230 2.41 -0.18 -3.80
CA TYR B 230 2.86 -1.51 -3.48
C TYR B 230 4.02 -1.97 -4.33
N ASP B 231 4.13 -1.53 -5.58
CA ASP B 231 5.09 -2.08 -6.54
C ASP B 231 4.96 -3.59 -6.56
N PRO B 232 3.75 -4.12 -6.79
CA PRO B 232 3.54 -5.57 -6.70
C PRO B 232 4.11 -6.28 -7.91
N GLY B 233 4.31 -7.59 -7.77
CA GLY B 233 4.68 -8.40 -8.92
C GLY B 233 3.55 -8.64 -9.88
N LEU B 234 2.31 -8.50 -9.41
CA LEU B 234 1.16 -8.89 -10.22
C LEU B 234 -0.08 -8.20 -9.67
N ILE B 235 -0.90 -7.68 -10.58
CA ILE B 235 -2.20 -7.11 -10.25
C ILE B 235 -3.25 -7.95 -10.95
N LEU B 236 -4.04 -8.67 -10.16
CA LEU B 236 -5.18 -9.45 -10.63
C LEU B 236 -6.45 -8.59 -10.57
N ILE B 237 -7.22 -8.59 -11.65
CA ILE B 237 -8.53 -7.96 -11.72
C ILE B 237 -9.57 -9.07 -11.64
N GLY B 238 -10.38 -9.06 -10.58
CA GLY B 238 -11.43 -10.04 -10.43
C GLY B 238 -12.80 -9.39 -10.51
N GLY B 239 -13.79 -10.18 -10.08
CA GLY B 239 -15.18 -9.74 -10.11
C GLY B 239 -15.87 -10.10 -11.40
N GLY B 240 -17.19 -9.84 -11.43
CA GLY B 240 -17.99 -10.22 -12.58
C GLY B 240 -17.38 -9.78 -13.90
N ILE B 241 -16.89 -8.54 -13.95
CA ILE B 241 -16.32 -8.03 -15.20
C ILE B 241 -15.08 -8.80 -15.65
N SER B 242 -14.39 -9.49 -14.74
CA SER B 242 -13.19 -10.24 -15.11
C SER B 242 -13.48 -11.30 -16.16
N GLU B 243 -14.75 -11.61 -16.42
CA GLU B 243 -15.06 -12.62 -17.44
C GLU B 243 -14.66 -12.16 -18.83
N GLN B 244 -14.46 -10.84 -19.00
CA GLN B 244 -14.02 -10.32 -20.29
C GLN B 244 -12.59 -10.70 -20.61
N GLY B 245 -11.81 -11.06 -19.60
CA GLY B 245 -10.46 -11.52 -19.85
C GLY B 245 -9.64 -10.46 -20.56
N ASP B 246 -8.96 -10.89 -21.63
CA ASP B 246 -8.07 -9.98 -22.34
C ASP B 246 -8.80 -8.84 -23.00
N ASN B 247 -10.08 -9.02 -23.36
CA ASN B 247 -10.81 -7.89 -23.90
C ASN B 247 -11.00 -6.79 -22.86
N LEU B 248 -10.89 -7.12 -21.56
CA LEU B 248 -10.92 -6.10 -20.53
C LEU B 248 -9.53 -5.50 -20.32
N ILE B 249 -8.52 -6.37 -20.15
CA ILE B 249 -7.16 -5.94 -19.93
C ILE B 249 -6.72 -4.96 -20.99
N LYS B 250 -7.03 -5.26 -22.26
CA LYS B 250 -6.54 -4.43 -23.35
C LYS B 250 -7.01 -2.99 -23.24
N TYR B 251 -8.17 -2.75 -22.61
CA TYR B 251 -8.63 -1.39 -22.35
C TYR B 251 -7.87 -0.74 -21.19
N ILE B 252 -7.58 -1.52 -20.16
CA ILE B 252 -7.09 -0.94 -18.91
C ILE B 252 -5.57 -0.90 -18.84
N GLU B 253 -4.90 -1.99 -19.23
CA GLU B 253 -3.46 -2.09 -18.95
C GLU B 253 -2.66 -1.01 -19.63
N PRO B 254 -2.80 -0.73 -20.92
CA PRO B 254 -2.00 0.34 -21.54
C PRO B 254 -2.21 1.68 -20.87
N LYS B 255 -3.41 1.93 -20.34
CA LYS B 255 -3.72 3.23 -19.80
C LYS B 255 -3.07 3.48 -18.44
N VAL B 256 -2.67 2.43 -17.72
CA VAL B 256 -2.01 2.63 -16.44
C VAL B 256 -0.77 3.48 -16.60
N ALA B 257 -0.09 3.38 -17.75
CA ALA B 257 1.09 4.19 -18.00
C ALA B 257 0.78 5.68 -18.03
N HIS B 258 -0.47 6.05 -18.31
CA HIS B 258 -0.82 7.47 -18.35
C HIS B 258 -0.64 8.16 -17.01
N TYR B 259 -0.65 7.42 -15.90
CA TYR B 259 -0.55 8.01 -14.57
C TYR B 259 0.79 7.72 -13.92
N LEU B 260 1.77 7.26 -14.69
CA LEU B 260 3.07 6.88 -14.17
C LEU B 260 4.14 7.57 -15.00
N PRO B 261 5.32 7.78 -14.45
CA PRO B 261 6.42 8.36 -15.22
C PRO B 261 6.74 7.53 -16.46
N LYS B 262 7.39 8.17 -17.45
CA LYS B 262 7.57 7.54 -18.76
C LYS B 262 8.34 6.23 -18.63
N ASP B 263 9.33 6.18 -17.74
CA ASP B 263 10.21 5.02 -17.64
C ASP B 263 9.83 4.07 -16.51
N TYR B 264 8.64 4.22 -15.90
CA TYR B 264 8.25 3.46 -14.72
C TYR B 264 7.68 2.10 -15.15
N VAL B 265 8.27 1.02 -14.65
CA VAL B 265 7.86 -0.34 -15.01
C VAL B 265 6.79 -0.79 -14.04
N TYR B 266 5.57 -1.00 -14.51
CA TYR B 266 4.52 -1.42 -13.59
C TYR B 266 4.19 -2.89 -13.77
N ALA B 267 3.47 -3.44 -12.79
CA ALA B 267 3.26 -4.87 -12.75
C ALA B 267 2.35 -5.32 -13.90
N PRO B 268 2.49 -6.55 -14.36
CA PRO B 268 1.50 -7.09 -15.29
C PRO B 268 0.11 -7.08 -14.67
N ILE B 269 -0.89 -6.81 -15.49
CA ILE B 269 -2.27 -6.74 -15.05
C ILE B 269 -3.05 -7.81 -15.79
N GLN B 270 -3.64 -8.74 -15.04
CA GLN B 270 -4.31 -9.90 -15.61
C GLN B 270 -5.67 -10.08 -14.96
N THR B 271 -6.59 -10.74 -15.64
CA THR B 271 -7.80 -11.13 -14.93
C THR B 271 -7.53 -12.40 -14.15
N THR B 272 -8.32 -12.58 -13.08
CA THR B 272 -8.30 -13.82 -12.32
C THR B 272 -8.66 -14.97 -13.24
N LYS B 273 -7.96 -16.11 -13.07
CA LYS B 273 -8.24 -17.28 -13.89
C LYS B 273 -9.52 -18.00 -13.46
N SER B 274 -9.76 -18.13 -12.16
CA SER B 274 -11.08 -18.53 -11.72
C SER B 274 -11.98 -17.31 -11.75
N LYS B 275 -13.12 -17.43 -12.42
CA LYS B 275 -13.94 -16.25 -12.67
C LYS B 275 -15.05 -16.06 -11.63
N ASN B 276 -15.70 -17.14 -11.23
CA ASN B 276 -16.91 -17.04 -10.42
C ASN B 276 -16.71 -17.54 -9.01
N ASP B 277 -15.96 -18.61 -8.83
CA ASP B 277 -15.96 -19.39 -7.61
C ASP B 277 -14.81 -19.04 -6.68
N ALA B 278 -13.93 -18.13 -7.08
CA ALA B 278 -12.71 -17.92 -6.32
C ALA B 278 -13.00 -17.70 -4.84
N ALA B 279 -13.98 -16.84 -4.53
CA ALA B 279 -14.22 -16.49 -3.14
C ALA B 279 -14.77 -17.67 -2.33
N LEU B 280 -15.54 -18.57 -2.96
CA LEU B 280 -16.07 -19.71 -2.22
C LEU B 280 -14.95 -20.60 -1.73
N TYR B 281 -13.89 -20.76 -2.54
CA TYR B 281 -12.73 -21.52 -2.10
C TYR B 281 -11.91 -20.72 -1.08
N GLY B 282 -11.76 -19.42 -1.33
CA GLY B 282 -10.91 -18.61 -0.47
C GLY B 282 -11.48 -18.43 0.92
N CYS B 283 -12.81 -18.42 1.06
CA CYS B 283 -13.34 -18.15 2.39
C CYS B 283 -13.10 -19.30 3.36
N LEU B 284 -12.69 -20.47 2.87
CA LEU B 284 -12.35 -21.58 3.75
C LEU B 284 -10.90 -21.55 4.20
N GLN B 285 -10.09 -20.70 3.60
CA GLN B 285 -8.70 -20.59 3.98
C GLN B 285 -8.60 -19.84 5.30
N TYR C 1 21.54 38.80 0.60
CA TYR C 1 22.27 37.56 0.90
C TYR C 1 23.80 37.70 1.07
N TYR C 2 24.30 37.20 2.20
CA TYR C 2 25.70 37.19 2.58
C TYR C 2 26.18 35.76 2.77
N ILE C 3 27.50 35.55 2.63
CA ILE C 3 28.15 34.28 2.93
C ILE C 3 28.86 34.41 4.28
N ALA C 4 28.54 33.52 5.21
CA ALA C 4 29.14 33.48 6.53
C ALA C 4 29.92 32.18 6.68
N ILE C 5 31.08 32.26 7.33
CA ILE C 5 31.98 31.13 7.55
C ILE C 5 32.57 31.25 8.94
N ASP C 6 32.49 30.18 9.72
CA ASP C 6 32.94 30.21 11.11
C ASP C 6 33.98 29.12 11.26
N ILE C 7 35.20 29.51 11.58
CA ILE C 7 36.33 28.58 11.60
C ILE C 7 36.75 28.31 13.02
N GLY C 8 36.64 27.05 13.45
CA GLY C 8 37.16 26.59 14.71
C GLY C 8 38.27 25.58 14.48
N GLY C 9 38.86 25.12 15.59
CA GLY C 9 39.87 24.10 15.47
C GLY C 9 39.30 22.75 15.07
N THR C 10 38.05 22.49 15.45
CA THR C 10 37.41 21.21 15.17
C THR C 10 36.50 21.25 13.97
N GLN C 11 35.73 22.34 13.78
CA GLN C 11 34.74 22.41 12.69
C GLN C 11 34.83 23.73 11.98
N ILE C 12 34.47 23.72 10.70
CA ILE C 12 34.16 24.91 9.93
C ILE C 12 32.67 24.83 9.58
N LYS C 13 31.93 25.83 9.98
CA LYS C 13 30.52 25.96 9.63
C LYS C 13 30.40 27.09 8.62
N SER C 14 29.40 26.96 7.76
CA SER C 14 29.16 28.02 6.80
C SER C 14 27.66 28.05 6.49
N ALA C 15 27.19 29.22 6.05
CA ALA C 15 25.82 29.35 5.60
C ALA C 15 25.72 30.55 4.67
N VAL C 16 24.66 30.56 3.89
CA VAL C 16 24.22 31.78 3.22
C VAL C 16 23.13 32.35 4.10
N ILE C 17 23.21 33.63 4.42
CA ILE C 17 22.31 34.27 5.36
C ILE C 17 21.76 35.52 4.70
N ASP C 18 20.49 35.83 4.92
CA ASP C 18 19.92 37.04 4.34
C ASP C 18 19.75 38.12 5.41
N LYS C 19 19.23 39.27 4.97
CA LYS C 19 19.12 40.45 5.82
C LYS C 19 18.28 40.18 7.06
N GLN C 20 17.25 39.34 6.94
CA GLN C 20 16.41 38.98 8.08
C GLN C 20 17.01 37.88 8.94
N LEU C 21 18.28 37.56 8.74
CA LEU C 21 18.97 36.53 9.52
C LEU C 21 18.42 35.13 9.26
N ASN C 22 17.80 34.89 8.10
CA ASN C 22 17.46 33.52 7.74
C ASN C 22 18.68 32.82 7.16
N MET C 23 18.90 31.60 7.60
CA MET C 23 20.05 30.80 7.21
C MET C 23 19.66 29.78 6.14
N PHE C 24 20.41 29.76 5.04
CA PHE C 24 20.24 28.81 3.95
C PHE C 24 21.52 28.00 3.79
N ASP C 25 21.38 26.78 3.28
CA ASP C 25 22.54 26.03 2.81
C ASP C 25 23.60 25.90 3.89
N TYR C 26 23.17 25.67 5.13
CA TYR C 26 24.11 25.48 6.23
C TYR C 26 25.00 24.28 5.97
N GLN C 27 26.30 24.47 6.15
CA GLN C 27 27.27 23.40 6.02
C GLN C 27 28.16 23.37 7.26
N GLN C 28 28.65 22.19 7.55
CA GLN C 28 29.49 21.92 8.70
C GLN C 28 30.44 20.80 8.30
N ILE C 29 31.73 21.09 8.28
CA ILE C 29 32.75 20.11 7.93
C ILE C 29 33.79 20.07 9.04
N SER C 30 34.49 18.95 9.10
CA SER C 30 35.62 18.86 9.99
C SER C 30 36.70 19.83 9.52
N THR C 31 37.35 20.50 10.47
CA THR C 31 38.39 21.46 10.10
C THR C 31 39.62 20.74 9.59
N PRO C 32 40.20 21.16 8.47
CA PRO C 32 41.46 20.55 8.03
C PRO C 32 42.56 20.71 9.08
N ASP C 33 43.53 19.76 9.06
CA ASP C 33 44.65 19.78 9.99
C ASP C 33 45.58 20.96 9.78
N ASN C 34 45.46 21.67 8.66
CA ASN C 34 46.32 22.80 8.30
C ASN C 34 47.79 22.39 8.18
N LYS C 35 48.04 21.10 7.98
CA LYS C 35 49.37 20.59 7.68
C LYS C 35 49.43 20.22 6.20
N SER C 36 48.74 19.16 5.79
CA SER C 36 48.61 18.80 4.38
C SER C 36 47.29 19.23 3.78
N GLU C 37 46.26 19.38 4.58
CA GLU C 37 44.99 19.94 4.15
C GLU C 37 44.87 21.34 4.77
N LEU C 38 44.70 22.35 3.92
CA LEU C 38 44.80 23.72 4.39
C LEU C 38 43.43 24.32 4.65
N ILE C 39 43.32 25.07 5.76
CA ILE C 39 42.08 25.77 6.09
C ILE C 39 41.72 26.78 4.98
N THR C 40 42.71 27.52 4.47
CA THR C 40 42.44 28.49 3.43
C THR C 40 41.85 27.83 2.19
N ASP C 41 42.36 26.65 1.81
CA ASP C 41 41.81 25.98 0.63
C ASP C 41 40.34 25.64 0.85
N LYS C 42 40.01 25.14 2.05
CA LYS C 42 38.62 24.80 2.34
C LYS C 42 37.74 26.03 2.41
N VAL C 43 38.24 27.12 3.00
CA VAL C 43 37.44 28.34 3.02
C VAL C 43 37.20 28.82 1.58
N TYR C 44 38.24 28.79 0.76
CA TYR C 44 38.12 29.21 -0.63
C TYR C 44 37.09 28.37 -1.38
N GLU C 45 37.12 27.04 -1.20
CA GLU C 45 36.18 26.24 -1.97
C GLU C 45 34.76 26.36 -1.41
N ILE C 46 34.60 26.56 -0.09
CA ILE C 46 33.27 26.87 0.43
C ILE C 46 32.70 28.12 -0.25
N VAL C 47 33.50 29.18 -0.36
CA VAL C 47 33.00 30.42 -0.97
C VAL C 47 32.69 30.19 -2.44
N THR C 48 33.63 29.60 -3.19
CA THR C 48 33.37 29.39 -4.61
C THR C 48 32.19 28.45 -4.80
N GLY C 49 32.01 27.48 -3.91
CA GLY C 49 30.85 26.61 -4.00
C GLY C 49 29.54 27.38 -3.91
N TYR C 50 29.45 28.30 -2.96
CA TYR C 50 28.25 29.14 -2.90
C TYR C 50 28.16 30.04 -4.13
N MET C 51 29.29 30.59 -4.58
CA MET C 51 29.26 31.46 -5.76
C MET C 51 28.81 30.67 -6.99
N LYS C 52 29.34 29.47 -7.17
CA LYS C 52 28.95 28.65 -8.31
C LYS C 52 27.49 28.26 -8.21
N GLN C 53 27.05 27.88 -7.01
CA GLN C 53 25.68 27.41 -6.82
C GLN C 53 24.67 28.49 -7.19
N TYR C 54 24.94 29.74 -6.80
CA TYR C 54 23.96 30.81 -6.95
C TYR C 54 24.43 31.92 -7.88
N GLN C 55 25.54 31.72 -8.59
CA GLN C 55 26.08 32.71 -9.52
C GLN C 55 26.28 34.06 -8.82
N LEU C 56 26.85 34.01 -7.63
CA LEU C 56 27.15 35.23 -6.85
C LEU C 56 28.40 35.90 -7.40
N ILE C 57 28.26 37.19 -7.73
CA ILE C 57 29.39 38.03 -8.11
C ILE C 57 29.76 38.90 -6.92
N GLN C 58 31.04 38.87 -6.56
CA GLN C 58 31.56 39.69 -5.47
C GLN C 58 30.65 39.63 -4.24
N PRO C 59 30.38 38.44 -3.70
CA PRO C 59 29.48 38.34 -2.55
C PRO C 59 30.10 38.98 -1.32
N VAL C 60 29.23 39.50 -0.44
CA VAL C 60 29.70 39.89 0.89
C VAL C 60 29.98 38.63 1.71
N ILE C 61 31.21 38.52 2.20
CA ILE C 61 31.69 37.35 2.92
C ILE C 61 32.07 37.77 4.31
N GLY C 62 31.45 37.19 5.33
CA GLY C 62 31.87 37.40 6.71
C GLY C 62 32.62 36.18 7.21
N ILE C 63 33.77 36.40 7.82
CA ILE C 63 34.54 35.29 8.37
C ILE C 63 34.73 35.49 9.86
N SER C 64 34.29 34.50 10.63
CA SER C 64 34.58 34.40 12.05
C SER C 64 35.64 33.32 12.25
N SER C 65 36.68 33.61 13.04
CA SER C 65 37.73 32.62 13.21
C SER C 65 38.34 32.63 14.61
N ALA C 66 38.65 31.45 15.13
CA ALA C 66 39.54 31.39 16.28
C ALA C 66 40.86 32.10 15.96
N GLY C 67 41.50 32.62 17.00
CA GLY C 67 42.74 33.35 16.86
C GLY C 67 42.54 34.85 16.98
N VAL C 68 43.65 35.55 17.22
CA VAL C 68 43.63 37.00 17.34
C VAL C 68 43.52 37.59 15.93
N VAL C 69 42.48 38.38 15.69
CA VAL C 69 42.19 38.90 14.36
C VAL C 69 42.48 40.39 14.34
N ASP C 70 43.35 40.81 13.45
CA ASP C 70 43.43 42.22 13.06
C ASP C 70 42.33 42.45 12.04
N GLU C 71 41.20 43.01 12.49
CA GLU C 71 40.01 43.11 11.65
C GLU C 71 40.23 43.96 10.40
N GLN C 72 40.99 45.04 10.51
CA GLN C 72 41.20 45.88 9.34
C GLN C 72 42.05 45.16 8.30
N LYS C 73 43.09 44.46 8.73
CA LYS C 73 43.88 43.67 7.80
C LYS C 73 43.12 42.45 7.33
N GLY C 74 42.15 41.98 8.11
CA GLY C 74 41.52 40.70 7.84
C GLY C 74 42.45 39.52 8.04
N GLU C 75 43.27 39.55 9.10
CA GLU C 75 44.40 38.65 9.25
C GLU C 75 44.47 38.06 10.65
N ILE C 76 44.85 36.79 10.72
CA ILE C 76 45.22 36.16 11.98
C ILE C 76 46.60 36.68 12.35
N VAL C 77 46.69 37.52 13.38
CA VAL C 77 47.99 38.06 13.81
C VAL C 77 48.56 37.35 15.03
N TYR C 78 47.84 36.39 15.60
CA TYR C 78 48.35 35.62 16.74
C TYR C 78 47.44 34.41 16.92
N ALA C 79 48.04 33.24 17.13
CA ALA C 79 47.28 32.01 17.20
C ALA C 79 47.92 31.03 18.17
N GLY C 80 47.14 30.52 19.13
CA GLY C 80 47.57 29.42 19.94
C GLY C 80 47.74 28.17 19.11
N PRO C 81 48.20 27.08 19.75
CA PRO C 81 48.56 25.87 19.00
C PRO C 81 47.38 25.00 18.56
N THR C 82 46.15 25.31 18.96
CA THR C 82 45.01 24.52 18.50
C THR C 82 44.95 24.45 16.97
N ILE C 83 45.24 25.54 16.27
CA ILE C 83 45.38 25.54 14.82
C ILE C 83 46.85 25.84 14.50
N PRO C 84 47.59 24.89 13.93
CA PRO C 84 49.00 25.15 13.62
C PRO C 84 49.18 26.02 12.38
N ASN C 85 50.25 26.81 12.37
CA ASN C 85 50.66 27.57 11.19
C ASN C 85 49.60 28.59 10.78
N TYR C 86 48.82 29.05 11.76
CA TYR C 86 47.66 29.88 11.46
C TYR C 86 48.00 31.36 11.44
N LYS C 87 49.01 31.80 12.19
CA LYS C 87 49.40 33.20 12.17
C LYS C 87 49.78 33.61 10.76
N GLY C 88 49.28 34.76 10.33
CA GLY C 88 49.55 35.27 9.01
C GLY C 88 48.50 34.94 7.98
N THR C 89 47.56 34.06 8.31
CA THR C 89 46.45 33.77 7.40
C THR C 89 45.63 35.03 7.17
N ASN C 90 45.59 35.50 5.93
CA ASN C 90 44.86 36.72 5.58
C ASN C 90 43.71 36.38 4.64
N PHE C 91 42.49 36.45 5.17
CA PHE C 91 41.32 36.05 4.40
C PHE C 91 40.95 37.09 3.35
N LYS C 92 41.26 38.37 3.58
CA LYS C 92 40.97 39.35 2.54
C LYS C 92 41.84 39.07 1.31
N ARG C 93 43.12 38.75 1.53
CA ARG C 93 43.98 38.41 0.41
C ARG C 93 43.58 37.08 -0.22
N LEU C 94 43.28 36.09 0.62
CA LEU C 94 42.86 34.78 0.12
C LEU C 94 41.72 34.91 -0.88
N LEU C 95 40.73 35.73 -0.56
CA LEU C 95 39.48 35.76 -1.28
C LEU C 95 39.37 36.94 -2.24
N LYS C 96 40.43 37.73 -2.41
CA LYS C 96 40.33 38.99 -3.13
C LYS C 96 39.88 38.80 -4.58
N SER C 97 40.20 37.66 -5.18
CA SER C 97 39.77 37.42 -6.56
C SER C 97 38.31 37.00 -6.63
N LEU C 98 37.75 36.54 -5.52
CA LEU C 98 36.32 36.28 -5.43
C LEU C 98 35.53 37.52 -5.05
N SER C 99 36.05 38.32 -4.11
CA SER C 99 35.29 39.44 -3.60
C SER C 99 36.17 40.42 -2.87
N PRO C 100 35.93 41.73 -2.98
CA PRO C 100 36.58 42.68 -2.08
C PRO C 100 35.84 42.90 -0.78
N TYR C 101 34.68 42.28 -0.60
CA TYR C 101 33.83 42.50 0.58
C TYR C 101 34.00 41.33 1.55
N VAL C 102 35.12 41.33 2.25
CA VAL C 102 35.43 40.31 3.26
C VAL C 102 35.60 40.99 4.60
N LYS C 103 34.86 40.52 5.60
CA LYS C 103 35.11 40.91 6.98
C LYS C 103 35.60 39.70 7.76
N VAL C 104 36.49 39.95 8.71
CA VAL C 104 37.07 38.90 9.53
C VAL C 104 37.00 39.38 10.98
N LYS C 105 36.47 38.54 11.85
CA LYS C 105 36.40 38.82 13.27
C LYS C 105 36.85 37.58 14.01
N ASN C 106 37.32 37.82 15.22
CA ASN C 106 37.53 36.72 16.13
C ASN C 106 36.21 35.99 16.36
N ASP C 107 36.31 34.68 16.57
CA ASP C 107 35.06 33.91 16.69
C ASP C 107 34.22 34.33 17.90
N VAL C 108 34.83 34.78 19.01
CA VAL C 108 33.98 35.15 20.15
C VAL C 108 33.33 36.52 19.93
N ASN C 109 34.04 37.49 19.34
CA ASN C 109 33.39 38.69 18.85
C ASN C 109 32.15 38.32 18.03
N ALA C 110 32.32 37.39 17.11
CA ALA C 110 31.22 37.01 16.23
C ALA C 110 30.09 36.36 17.02
N ALA C 111 30.44 35.47 17.94
CA ALA C 111 29.42 34.80 18.73
C ALA C 111 28.61 35.82 19.54
N LEU C 112 29.31 36.75 20.20
CA LEU C 112 28.63 37.77 20.99
C LEU C 112 27.74 38.66 20.13
N LEU C 113 28.28 39.16 19.01
CA LEU C 113 27.49 40.00 18.12
C LEU C 113 26.30 39.23 17.56
N GLY C 114 26.53 37.97 17.17
CA GLY C 114 25.42 37.17 16.66
C GLY C 114 24.38 36.91 17.72
N GLU C 115 24.82 36.55 18.93
CA GLU C 115 23.88 36.36 20.01
C GLU C 115 23.05 37.61 20.23
N LEU C 116 23.71 38.78 20.24
CA LEU C 116 23.02 40.03 20.55
C LEU C 116 22.17 40.52 19.39
N LYS C 117 22.49 40.11 18.16
CA LYS C 117 21.61 40.46 17.07
C LYS C 117 20.30 39.66 17.14
N LEU C 118 20.34 38.48 17.75
CA LEU C 118 19.19 37.60 17.88
C LEU C 118 18.43 37.73 19.19
N HIS C 119 19.06 38.22 20.25
CA HIS C 119 18.45 38.23 21.57
C HIS C 119 18.81 39.50 22.32
N GLN C 120 17.80 40.14 22.91
CA GLN C 120 18.05 41.34 23.70
C GLN C 120 18.26 40.97 25.17
N TYR C 121 19.07 41.77 25.83
CA TYR C 121 19.37 41.61 27.24
C TYR C 121 19.26 42.96 27.93
N GLN C 122 18.95 42.95 29.23
CA GLN C 122 18.85 44.21 29.95
C GLN C 122 20.23 44.80 30.24
N ALA C 123 21.22 43.94 30.49
CA ALA C 123 22.58 44.38 30.81
C ALA C 123 23.15 45.30 29.73
N GLU C 124 23.85 46.35 30.18
CA GLU C 124 24.54 47.24 29.25
C GLU C 124 25.92 46.70 28.88
N ARG C 125 26.60 46.06 29.82
CA ARG C 125 27.93 45.50 29.60
C ARG C 125 27.83 43.98 29.61
N ILE C 126 28.21 43.35 28.50
CA ILE C 126 28.05 41.92 28.33
C ILE C 126 29.39 41.32 27.97
N PHE C 127 29.86 40.39 28.78
CA PHE C 127 31.02 39.57 28.45
C PHE C 127 30.57 38.22 27.90
N CYS C 128 31.23 37.75 26.85
CA CYS C 128 30.99 36.41 26.33
C CYS C 128 32.26 35.57 26.43
N MET C 129 32.16 34.40 27.06
CA MET C 129 33.24 33.43 27.10
C MET C 129 32.77 32.16 26.41
N THR C 130 33.55 31.69 25.43
CA THR C 130 33.23 30.41 24.80
C THR C 130 34.12 29.32 25.38
N LEU C 131 33.51 28.17 25.63
CA LEU C 131 34.19 26.97 26.09
C LEU C 131 34.10 25.92 25.00
N GLY C 132 35.25 25.49 24.49
CA GLY C 132 35.29 24.43 23.50
C GLY C 132 36.71 24.00 23.23
N THR C 133 37.04 23.84 21.95
CA THR C 133 38.41 23.57 21.54
C THR C 133 39.37 24.53 22.24
N GLY C 134 39.07 25.81 22.16
CA GLY C 134 39.75 26.81 22.95
C GLY C 134 38.78 27.52 23.87
N ILE C 135 39.31 28.47 24.62
CA ILE C 135 38.51 29.37 25.41
C ILE C 135 38.84 30.78 24.94
N GLY C 136 37.81 31.57 24.67
CA GLY C 136 38.00 32.92 24.19
C GLY C 136 36.98 33.84 24.84
N GLY C 137 37.17 35.13 24.61
CA GLY C 137 36.31 36.12 25.20
C GLY C 137 36.05 37.30 24.27
N ALA C 138 35.05 38.07 24.65
CA ALA C 138 34.77 39.34 24.03
C ALA C 138 33.88 40.10 24.99
N TYR C 139 33.99 41.42 24.95
CA TYR C 139 33.29 42.29 25.88
C TYR C 139 32.63 43.39 25.07
N LYS C 140 31.32 43.48 25.15
CA LYS C 140 30.58 44.61 24.59
C LYS C 140 30.37 45.62 25.71
N ASN C 141 30.92 46.82 25.54
CA ASN C 141 31.02 47.72 26.67
C ASN C 141 29.76 48.58 26.76
N ASN C 142 29.83 49.58 27.64
CA ASN C 142 28.70 50.43 27.94
C ASN C 142 28.15 51.08 26.68
N GLN C 143 29.03 51.60 25.82
CA GLN C 143 28.64 52.37 24.65
C GLN C 143 28.32 51.50 23.44
N GLY C 144 28.21 50.18 23.60
CA GLY C 144 27.81 49.29 22.52
C GLY C 144 28.93 48.75 21.66
N HIS C 145 30.18 48.98 22.04
CA HIS C 145 31.36 48.70 21.24
C HIS C 145 32.09 47.47 21.81
N ILE C 146 32.70 46.69 20.91
CA ILE C 146 33.57 45.57 21.31
C ILE C 146 35.00 45.98 20.97
N ASP C 147 35.79 46.28 21.99
CA ASP C 147 37.18 46.67 21.77
C ASP C 147 38.10 45.46 21.74
N ASN C 148 38.98 45.41 20.75
CA ASN C 148 39.90 44.28 20.62
C ASN C 148 41.27 44.53 21.24
N GLY C 149 41.49 45.70 21.83
CA GLY C 149 42.74 45.96 22.52
C GLY C 149 43.77 46.62 21.62
N GLU C 150 44.89 47.00 22.24
CA GLU C 150 45.90 47.77 21.53
C GLU C 150 46.58 46.96 20.43
N LEU C 151 46.70 45.65 20.61
CA LEU C 151 47.28 44.74 19.63
C LEU C 151 46.26 43.67 19.22
N HIS C 152 44.97 43.99 19.32
CA HIS C 152 43.88 43.17 18.83
C HIS C 152 43.62 41.92 19.66
N LYS C 153 44.35 41.68 20.76
CA LYS C 153 44.24 40.43 21.51
C LYS C 153 43.60 40.61 22.88
N ALA C 154 42.77 41.66 23.05
CA ALA C 154 42.00 41.79 24.27
C ALA C 154 41.10 40.58 24.50
N ASN C 155 40.90 40.20 25.76
CA ASN C 155 39.93 39.18 26.14
C ASN C 155 40.30 37.78 25.65
N GLU C 156 41.60 37.57 25.40
CA GLU C 156 42.11 36.22 25.15
C GLU C 156 42.21 35.50 26.50
N VAL C 157 41.03 35.26 27.11
CA VAL C 157 40.98 34.81 28.49
C VAL C 157 41.48 33.37 28.65
N GLY C 158 41.73 32.66 27.55
CA GLY C 158 42.39 31.39 27.67
C GLY C 158 43.76 31.47 28.32
N TYR C 159 44.41 32.65 28.29
CA TYR C 159 45.72 32.83 28.87
C TYR C 159 45.69 33.28 30.32
N LEU C 160 44.50 33.44 30.90
CA LEU C 160 44.35 33.75 32.31
C LEU C 160 44.94 32.65 33.18
N LEU C 161 45.34 33.02 34.40
CA LEU C 161 45.55 32.06 35.49
C LEU C 161 46.58 30.99 35.13
N TYR C 162 47.71 31.42 34.57
CA TYR C 162 48.80 30.50 34.36
C TYR C 162 49.40 30.09 35.70
N ARG C 163 49.44 28.77 35.96
CA ARG C 163 49.97 28.25 37.20
C ARG C 163 51.38 27.73 36.97
N PRO C 164 52.43 28.43 37.42
CA PRO C 164 53.80 27.96 37.14
C PRO C 164 54.05 26.53 37.57
N THR C 165 53.50 26.11 38.71
CA THR C 165 53.77 24.79 39.25
C THR C 165 53.09 23.67 38.47
N GLU C 166 52.06 24.00 37.67
CA GLU C 166 51.39 23.03 36.83
C GLU C 166 51.63 23.27 35.35
N ASN C 167 52.23 24.40 34.99
CA ASN C 167 52.51 24.73 33.60
C ASN C 167 51.24 24.67 32.74
N THR C 168 50.15 25.22 33.26
CA THR C 168 48.90 25.27 32.51
C THR C 168 48.29 26.66 32.56
N THR C 169 47.73 27.08 31.43
CA THR C 169 46.83 28.22 31.38
C THR C 169 45.41 27.77 31.67
N PHE C 170 44.53 28.76 31.87
CA PHE C 170 43.11 28.50 32.00
C PHE C 170 42.63 27.56 30.91
N GLU C 171 42.88 27.91 29.66
CA GLU C 171 42.40 27.12 28.53
C GLU C 171 42.98 25.72 28.55
N GLN C 172 44.23 25.56 28.98
CA GLN C 172 44.81 24.23 29.01
C GLN C 172 44.24 23.37 30.13
N ARG C 173 43.44 23.97 31.02
CA ARG C 173 42.74 23.25 32.08
C ARG C 173 41.27 23.06 31.80
N ALA C 174 40.64 23.95 31.03
CA ALA C 174 39.19 23.94 30.87
C ALA C 174 38.71 23.68 29.44
N ALA C 175 39.59 23.62 28.45
CA ALA C 175 39.15 23.35 27.09
C ALA C 175 38.78 21.88 26.91
N THR C 176 38.10 21.60 25.80
CA THR C 176 37.60 20.25 25.57
C THR C 176 38.73 19.22 25.70
N SER C 177 39.87 19.45 25.05
CA SER C 177 40.96 18.48 25.11
C SER C 177 41.41 18.25 26.55
N ALA C 178 41.42 19.31 27.37
CA ALA C 178 41.78 19.14 28.77
C ALA C 178 40.69 18.39 29.54
N LEU C 179 39.42 18.74 29.30
CA LEU C 179 38.32 18.04 29.96
C LEU C 179 38.31 16.56 29.61
N LYS C 180 38.55 16.21 28.34
CA LYS C 180 38.59 14.81 27.95
C LYS C 180 39.71 14.08 28.67
N LYS C 181 40.83 14.77 28.91
CA LYS C 181 41.94 14.15 29.64
C LYS C 181 41.58 13.95 31.10
N ARG C 182 40.96 14.96 31.72
CA ARG C 182 40.47 14.83 33.10
C ARG C 182 39.51 13.67 33.26
N MET C 183 38.71 13.39 32.23
CA MET C 183 37.82 12.23 32.28
C MET C 183 38.63 10.94 32.37
N ILE C 184 39.63 10.80 31.50
CA ILE C 184 40.47 9.60 31.57
C ILE C 184 41.25 9.60 32.88
N ALA C 185 41.80 10.76 33.27
CA ALA C 185 42.50 10.84 34.54
C ALA C 185 41.55 10.58 35.70
N GLY C 186 40.32 11.05 35.61
CA GLY C 186 39.34 10.89 36.66
C GLY C 186 38.57 9.59 36.62
N GLY C 187 39.05 8.61 35.85
CA GLY C 187 38.47 7.28 35.83
C GLY C 187 37.17 7.13 35.08
N PHE C 188 36.67 8.17 34.43
CA PHE C 188 35.44 8.07 33.63
C PHE C 188 35.77 7.43 32.30
N THR C 189 35.54 6.13 32.18
CA THR C 189 35.86 5.39 30.95
C THR C 189 34.65 5.05 30.11
N ARG C 190 33.45 5.32 30.63
CA ARG C 190 32.23 5.10 29.86
C ARG C 190 32.36 5.64 28.43
N SER C 191 33.05 6.77 28.26
CA SER C 191 33.13 7.42 26.96
C SER C 191 34.21 8.50 27.01
N THR C 192 34.50 9.05 25.84
CA THR C 192 35.35 10.22 25.70
C THR C 192 34.60 11.33 24.98
N HIS C 193 33.29 11.31 25.04
CA HIS C 193 32.43 12.28 24.39
C HIS C 193 31.85 13.18 25.48
N VAL C 194 32.17 14.48 25.41
CA VAL C 194 31.82 15.39 26.51
C VAL C 194 30.33 15.39 26.82
N PRO C 195 29.43 15.46 25.84
CA PRO C 195 27.99 15.37 26.16
C PRO C 195 27.63 14.14 26.98
N VAL C 196 28.27 12.99 26.69
CA VAL C 196 28.01 11.78 27.45
C VAL C 196 28.40 11.99 28.92
N LEU C 197 29.50 12.72 29.15
CA LEU C 197 29.90 13.03 30.52
C LEU C 197 28.78 13.76 31.27
N PHE C 198 28.16 14.75 30.63
CA PHE C 198 27.05 15.46 31.25
C PHE C 198 25.84 14.56 31.44
N GLU C 199 25.47 13.79 30.42
CA GLU C 199 24.37 12.83 30.57
C GLU C 199 24.61 11.88 31.73
N ALA C 200 25.84 11.39 31.87
CA ALA C 200 26.15 10.47 32.97
C ALA C 200 26.02 11.17 34.32
N ALA C 201 26.57 12.39 34.43
CA ALA C 201 26.42 13.14 35.68
C ALA C 201 24.95 13.38 35.99
N GLU C 202 24.14 13.67 34.97
CA GLU C 202 22.72 13.86 35.18
C GLU C 202 22.06 12.58 35.66
N GLU C 203 22.56 11.41 35.24
CA GLU C 203 22.03 10.14 35.72
C GLU C 203 22.71 9.66 37.00
N GLY C 204 23.20 10.57 37.82
CA GLY C 204 23.69 10.23 39.15
C GLY C 204 24.95 9.40 39.13
N ASP C 205 25.95 9.86 38.39
CA ASP C 205 27.25 9.20 38.32
C ASP C 205 28.24 10.06 39.09
N ASP C 206 28.71 9.53 40.23
CA ASP C 206 29.57 10.34 41.09
C ASP C 206 30.94 10.60 40.47
N ILE C 207 31.42 9.69 39.60
CA ILE C 207 32.69 9.94 38.94
C ILE C 207 32.53 11.03 37.89
N ALA C 208 31.44 10.98 37.11
CA ALA C 208 31.11 12.06 36.20
C ALA C 208 30.96 13.37 36.94
N LYS C 209 30.24 13.36 38.06
CA LYS C 209 30.00 14.60 38.80
C LYS C 209 31.30 15.16 39.36
N GLN C 210 32.15 14.31 39.92
CA GLN C 210 33.41 14.81 40.48
C GLN C 210 34.26 15.45 39.39
N ILE C 211 34.33 14.81 38.22
CA ILE C 211 35.11 15.39 37.12
C ILE C 211 34.54 16.72 36.71
N LEU C 212 33.22 16.82 36.59
CA LEU C 212 32.60 18.09 36.20
C LEU C 212 32.83 19.17 37.24
N ASN C 213 32.68 18.84 38.52
CA ASN C 213 32.82 19.87 39.54
C ASN C 213 34.25 20.40 39.58
N GLU C 214 35.23 19.49 39.60
CA GLU C 214 36.62 19.93 39.62
C GLU C 214 36.94 20.79 38.41
N TRP C 215 36.40 20.42 37.25
CA TRP C 215 36.57 21.22 36.03
C TRP C 215 35.82 22.54 36.13
N ALA C 216 34.55 22.51 36.57
CA ALA C 216 33.78 23.74 36.70
C ALA C 216 34.41 24.68 37.72
N GLU C 217 35.06 24.11 38.72
CA GLU C 217 35.82 24.91 39.67
C GLU C 217 36.87 25.74 38.94
N ASP C 218 37.61 25.12 38.02
CA ASP C 218 38.60 25.87 37.26
C ASP C 218 37.93 26.86 36.31
N VAL C 219 36.81 26.48 35.70
CA VAL C 219 36.10 27.45 34.84
C VAL C 219 35.63 28.63 35.67
N ALA C 220 35.05 28.34 36.86
CA ALA C 220 34.58 29.42 37.73
C ALA C 220 35.72 30.36 38.11
N GLU C 221 36.90 29.82 38.42
CA GLU C 221 38.05 30.66 38.75
C GLU C 221 38.33 31.65 37.62
N GLY C 222 38.27 31.18 36.37
CA GLY C 222 38.49 32.08 35.26
C GLY C 222 37.40 33.12 35.14
N ILE C 223 36.15 32.71 35.27
CA ILE C 223 35.07 33.67 35.18
C ILE C 223 35.23 34.74 36.26
N ALA C 224 35.64 34.34 37.46
CA ALA C 224 35.71 35.33 38.55
C ALA C 224 36.68 36.46 38.19
N GLN C 225 37.82 36.14 37.56
CA GLN C 225 38.78 37.17 37.15
C GLN C 225 38.15 38.13 36.14
N ILE C 226 37.38 37.60 35.17
CA ILE C 226 36.65 38.44 34.23
C ILE C 226 35.67 39.34 34.97
N GLN C 227 34.94 38.78 35.93
CA GLN C 227 34.03 39.54 36.75
C GLN C 227 34.74 40.69 37.46
N VAL C 228 35.89 40.39 38.08
CA VAL C 228 36.61 41.38 38.87
C VAL C 228 37.06 42.54 37.98
N MET C 229 37.63 42.23 36.82
CA MET C 229 38.04 43.27 35.88
C MET C 229 36.84 44.13 35.46
N TYR C 230 35.85 43.50 34.85
CA TYR C 230 34.86 44.21 34.07
C TYR C 230 33.64 44.61 34.88
N ASP C 231 33.29 43.84 35.89
CA ASP C 231 32.05 44.05 36.62
C ASP C 231 30.91 44.16 35.60
N PRO C 232 30.77 43.18 34.71
CA PRO C 232 29.78 43.28 33.64
C PRO C 232 28.38 43.07 34.18
N GLY C 233 27.40 43.50 33.37
CA GLY C 233 26.01 43.21 33.69
C GLY C 233 25.63 41.76 33.41
N LEU C 234 26.38 41.08 32.55
CA LEU C 234 25.99 39.75 32.11
C LEU C 234 27.22 39.03 31.58
N ILE C 235 27.36 37.75 31.93
CA ILE C 235 28.41 36.90 31.41
C ILE C 235 27.76 35.75 30.66
N LEU C 236 27.90 35.77 29.33
CA LEU C 236 27.38 34.72 28.46
C LEU C 236 28.46 33.67 28.26
N ILE C 237 28.09 32.41 28.41
CA ILE C 237 28.92 31.25 28.11
C ILE C 237 28.45 30.70 26.76
N GLY C 238 29.30 30.79 25.75
CA GLY C 238 29.02 30.28 24.43
C GLY C 238 29.93 29.11 24.09
N GLY C 239 30.00 28.79 22.81
CA GLY C 239 30.80 27.66 22.39
C GLY C 239 30.00 26.38 22.34
N GLY C 240 30.64 25.33 21.81
CA GLY C 240 29.96 24.06 21.67
C GLY C 240 29.27 23.61 22.95
N ILE C 241 29.97 23.72 24.09
CA ILE C 241 29.43 23.19 25.34
C ILE C 241 28.20 23.94 25.79
N SER C 242 27.95 25.16 25.29
CA SER C 242 26.76 25.88 25.74
C SER C 242 25.47 25.12 25.44
N GLU C 243 25.51 24.12 24.54
CA GLU C 243 24.36 23.24 24.33
C GLU C 243 23.90 22.54 25.60
N GLN C 244 24.74 22.50 26.64
CA GLN C 244 24.34 21.93 27.92
C GLN C 244 23.35 22.82 28.66
N GLY C 245 23.29 24.09 28.33
CA GLY C 245 22.33 24.98 28.95
C GLY C 245 22.47 25.08 30.46
N ASP C 246 21.33 25.00 31.14
CA ASP C 246 21.31 25.20 32.59
C ASP C 246 22.02 24.09 33.32
N ASN C 247 22.10 22.89 32.75
CA ASN C 247 22.87 21.85 33.39
C ASN C 247 24.36 22.21 33.46
N LEU C 248 24.82 23.09 32.57
CA LEU C 248 26.20 23.59 32.65
C LEU C 248 26.31 24.72 33.67
N ILE C 249 25.40 25.69 33.59
CA ILE C 249 25.41 26.82 34.52
C ILE C 249 25.40 26.34 35.97
N LYS C 250 24.56 25.35 36.29
CA LYS C 250 24.43 24.96 37.69
C LYS C 250 25.74 24.44 38.27
N TYR C 251 26.62 23.90 37.42
CA TYR C 251 27.95 23.51 37.89
C TYR C 251 28.87 24.71 38.09
N ILE C 252 28.76 25.71 37.22
CA ILE C 252 29.74 26.79 37.15
C ILE C 252 29.33 28.00 37.97
N GLU C 253 28.07 28.42 37.89
CA GLU C 253 27.71 29.73 38.43
C GLU C 253 27.93 29.80 39.93
N PRO C 254 27.41 28.87 40.74
CA PRO C 254 27.64 28.97 42.19
C PRO C 254 29.10 28.98 42.56
N LYS C 255 29.95 28.37 41.76
CA LYS C 255 31.35 28.27 42.15
C LYS C 255 32.10 29.57 41.94
N VAL C 256 31.59 30.49 41.12
CA VAL C 256 32.28 31.75 40.92
C VAL C 256 32.46 32.49 42.25
N ALA C 257 31.51 32.32 43.18
CA ALA C 257 31.62 32.95 44.50
C ALA C 257 32.82 32.43 45.29
N HIS C 258 33.33 31.25 44.98
CA HIS C 258 34.49 30.74 45.71
C HIS C 258 35.72 31.61 45.53
N TYR C 259 35.77 32.40 44.46
CA TYR C 259 36.95 33.20 44.16
C TYR C 259 36.70 34.69 44.35
N LEU C 260 35.64 35.05 45.07
CA LEU C 260 35.23 36.43 45.32
C LEU C 260 34.94 36.61 46.80
N PRO C 261 35.01 37.85 47.28
CA PRO C 261 34.64 38.12 48.68
C PRO C 261 33.20 37.74 48.97
N LYS C 262 32.92 37.52 50.27
CA LYS C 262 31.65 36.94 50.69
C LYS C 262 30.45 37.78 50.25
N ASP C 263 30.59 39.10 50.29
CA ASP C 263 29.48 39.98 49.97
C ASP C 263 29.52 40.52 48.55
N TYR C 264 30.36 39.94 47.68
CA TYR C 264 30.58 40.50 46.35
C TYR C 264 29.49 40.01 45.40
N VAL C 265 28.79 40.94 44.77
CA VAL C 265 27.68 40.62 43.88
C VAL C 265 28.22 40.48 42.47
N TYR C 266 28.18 39.28 41.92
CA TYR C 266 28.69 39.12 40.56
C TYR C 266 27.54 38.94 39.59
N ALA C 267 27.88 39.09 38.31
CA ALA C 267 26.89 39.15 37.26
C ALA C 267 26.24 37.78 37.07
N PRO C 268 24.98 37.76 36.61
CA PRO C 268 24.39 36.48 36.20
C PRO C 268 25.21 35.82 35.12
N ILE C 269 25.27 34.50 35.17
CA ILE C 269 26.04 33.74 34.20
C ILE C 269 25.06 32.83 33.49
N GLN C 270 24.95 33.00 32.17
CA GLN C 270 23.96 32.30 31.37
C GLN C 270 24.62 31.72 30.12
N THR C 271 24.02 30.68 29.55
CA THR C 271 24.48 30.26 28.24
C THR C 271 23.85 31.13 27.17
N THR C 272 24.52 31.20 26.03
CA THR C 272 23.96 31.87 24.86
C THR C 272 22.68 31.18 24.44
N LYS C 273 21.66 31.97 24.07
CA LYS C 273 20.40 31.38 23.63
C LYS C 273 20.53 30.74 22.25
N SER C 274 21.28 31.37 21.35
CA SER C 274 21.68 30.68 20.14
C SER C 274 22.82 29.74 20.51
N LYS C 275 22.71 28.48 20.15
CA LYS C 275 23.71 27.56 20.66
C LYS C 275 24.85 27.34 19.68
N ASN C 276 24.52 27.17 18.41
CA ASN C 276 25.46 26.71 17.42
C ASN C 276 25.85 27.80 16.44
N ASP C 277 24.88 28.63 16.05
CA ASP C 277 24.99 29.49 14.90
C ASP C 277 25.40 30.92 15.24
N ALA C 278 25.59 31.25 16.52
CA ALA C 278 25.78 32.65 16.89
C ALA C 278 26.85 33.33 16.03
N ALA C 279 28.00 32.66 15.87
CA ALA C 279 29.11 33.30 15.16
C ALA C 279 28.80 33.50 13.68
N LEU C 280 28.00 32.63 13.06
CA LEU C 280 27.66 32.84 11.66
C LEU C 280 26.88 34.12 11.47
N TYR C 281 26.01 34.46 12.44
CA TYR C 281 25.27 35.71 12.36
C TYR C 281 26.18 36.90 12.70
N GLY C 282 27.03 36.72 13.70
CA GLY C 282 27.89 37.80 14.15
C GLY C 282 28.96 38.18 13.15
N CYS C 283 29.42 37.24 12.33
CA CYS C 283 30.54 37.59 11.46
C CYS C 283 30.12 38.51 10.32
N LEU C 284 28.83 38.69 10.08
CA LEU C 284 28.37 39.62 9.07
C LEU C 284 28.26 41.04 9.59
N GLN C 285 28.35 41.25 10.89
CA GLN C 285 28.28 42.60 11.44
C GLN C 285 29.57 43.36 11.18
N TYR D 1 -39.17 -8.73 -20.75
CA TYR D 1 -38.64 -9.73 -19.83
C TYR D 1 -39.50 -10.99 -19.64
N TYR D 2 -38.90 -12.16 -19.86
CA TYR D 2 -39.55 -13.44 -19.60
C TYR D 2 -38.92 -14.05 -18.37
N ILE D 3 -39.68 -14.87 -17.65
CA ILE D 3 -39.17 -15.63 -16.51
C ILE D 3 -39.00 -17.07 -16.93
N ALA D 4 -37.79 -17.61 -16.77
CA ALA D 4 -37.49 -18.99 -17.11
C ALA D 4 -37.14 -19.75 -15.84
N ILE D 5 -37.64 -20.98 -15.73
CA ILE D 5 -37.40 -21.82 -14.56
C ILE D 5 -37.25 -23.25 -15.06
N ASP D 6 -36.18 -23.90 -14.62
CA ASP D 6 -35.83 -25.24 -15.05
C ASP D 6 -35.75 -26.09 -13.81
N ILE D 7 -36.61 -27.09 -13.70
CA ILE D 7 -36.74 -27.88 -12.49
C ILE D 7 -36.11 -29.23 -12.76
N GLY D 8 -35.08 -29.55 -11.99
CA GLY D 8 -34.46 -30.86 -12.04
C GLY D 8 -34.61 -31.55 -10.70
N GLY D 9 -34.09 -32.77 -10.62
CA GLY D 9 -34.18 -33.49 -9.36
C GLY D 9 -33.32 -32.88 -8.26
N THR D 10 -32.16 -32.34 -8.62
CA THR D 10 -31.21 -31.79 -7.67
C THR D 10 -31.23 -30.26 -7.63
N GLN D 11 -31.43 -29.58 -8.76
CA GLN D 11 -31.39 -28.13 -8.78
C GLN D 11 -32.58 -27.55 -9.52
N ILE D 12 -33.00 -26.37 -9.07
CA ILE D 12 -33.90 -25.50 -9.82
C ILE D 12 -33.09 -24.30 -10.24
N LYS D 13 -33.03 -24.06 -11.54
CA LYS D 13 -32.36 -22.90 -12.09
C LYS D 13 -33.42 -21.96 -12.61
N SER D 14 -33.11 -20.67 -12.56
CA SER D 14 -34.06 -19.70 -13.07
C SER D 14 -33.29 -18.48 -13.55
N ALA D 15 -33.93 -17.74 -14.43
CA ALA D 15 -33.33 -16.49 -14.87
C ALA D 15 -34.44 -15.63 -15.44
N VAL D 16 -34.14 -14.35 -15.55
CA VAL D 16 -34.95 -13.43 -16.34
C VAL D 16 -34.24 -13.28 -17.67
N ILE D 17 -35.00 -13.34 -18.76
CA ILE D 17 -34.47 -13.30 -20.11
C ILE D 17 -35.22 -12.25 -20.90
N ASP D 18 -34.50 -11.50 -21.73
CA ASP D 18 -35.09 -10.46 -22.55
C ASP D 18 -35.20 -10.92 -24.01
N LYS D 19 -35.73 -10.01 -24.85
CA LYS D 19 -36.00 -10.35 -26.24
C LYS D 19 -34.73 -10.82 -26.96
N GLN D 20 -33.57 -10.24 -26.63
CA GLN D 20 -32.32 -10.64 -27.26
C GLN D 20 -31.69 -11.87 -26.63
N LEU D 21 -32.42 -12.59 -25.77
CA LEU D 21 -31.93 -13.79 -25.11
C LEU D 21 -30.78 -13.50 -24.14
N ASN D 22 -30.65 -12.28 -23.66
CA ASN D 22 -29.70 -12.00 -22.60
C ASN D 22 -30.27 -12.49 -21.28
N MET D 23 -29.45 -13.15 -20.49
CA MET D 23 -29.89 -13.71 -19.23
C MET D 23 -29.46 -12.78 -18.10
N PHE D 24 -30.42 -12.38 -17.27
CA PHE D 24 -30.18 -11.58 -16.08
C PHE D 24 -30.59 -12.37 -14.86
N ASP D 25 -29.95 -12.07 -13.73
CA ASP D 25 -30.42 -12.53 -12.41
C ASP D 25 -30.54 -14.06 -12.36
N TYR D 26 -29.57 -14.76 -12.94
CA TYR D 26 -29.55 -16.21 -12.88
C TYR D 26 -29.51 -16.67 -11.44
N GLN D 27 -30.38 -17.62 -11.12
CA GLN D 27 -30.44 -18.18 -9.78
C GLN D 27 -30.44 -19.69 -9.89
N GLN D 28 -29.92 -20.33 -8.86
CA GLN D 28 -29.78 -21.77 -8.83
C GLN D 28 -29.91 -22.18 -7.38
N ILE D 29 -30.96 -22.93 -7.06
CA ILE D 29 -31.15 -23.43 -5.70
C ILE D 29 -31.26 -24.93 -5.73
N SER D 30 -31.01 -25.52 -4.57
CA SER D 30 -31.23 -26.94 -4.37
C SER D 30 -32.71 -27.26 -4.48
N THR D 31 -33.03 -28.35 -5.15
CA THR D 31 -34.45 -28.70 -5.31
C THR D 31 -35.00 -29.23 -3.99
N PRO D 32 -36.16 -28.74 -3.53
CA PRO D 32 -36.77 -29.30 -2.31
C PRO D 32 -37.03 -30.79 -2.45
N ASP D 33 -37.10 -31.49 -1.31
CA ASP D 33 -37.39 -32.92 -1.34
C ASP D 33 -38.79 -33.22 -1.87
N ASN D 34 -39.65 -32.21 -1.97
CA ASN D 34 -41.06 -32.35 -2.35
C ASN D 34 -41.82 -33.24 -1.38
N LYS D 35 -41.30 -33.37 -0.16
CA LYS D 35 -42.01 -34.05 0.92
C LYS D 35 -42.53 -33.03 1.93
N SER D 36 -41.66 -32.38 2.70
CA SER D 36 -42.05 -31.32 3.61
C SER D 36 -41.84 -29.93 3.04
N GLU D 37 -40.90 -29.76 2.12
CA GLU D 37 -40.70 -28.53 1.38
C GLU D 37 -41.03 -28.80 -0.09
N LEU D 38 -41.93 -27.99 -0.66
CA LEU D 38 -42.55 -28.31 -1.94
C LEU D 38 -41.90 -27.52 -3.08
N ILE D 39 -41.76 -28.19 -4.22
CA ILE D 39 -41.26 -27.55 -5.45
C ILE D 39 -42.17 -26.42 -5.86
N THR D 40 -43.49 -26.63 -5.85
CA THR D 40 -44.39 -25.59 -6.25
C THR D 40 -44.19 -24.34 -5.41
N ASP D 41 -43.94 -24.51 -4.11
CA ASP D 41 -43.69 -23.35 -3.25
C ASP D 41 -42.44 -22.59 -3.68
N LYS D 42 -41.36 -23.31 -4.01
CA LYS D 42 -40.13 -22.63 -4.43
C LYS D 42 -40.33 -21.94 -5.78
N VAL D 43 -41.05 -22.59 -6.70
CA VAL D 43 -41.32 -22.01 -8.01
C VAL D 43 -42.16 -20.74 -7.87
N TYR D 44 -43.21 -20.80 -7.06
CA TYR D 44 -44.06 -19.64 -6.84
C TYR D 44 -43.24 -18.49 -6.27
N GLU D 45 -42.38 -18.76 -5.30
CA GLU D 45 -41.60 -17.67 -4.74
C GLU D 45 -40.49 -17.21 -5.71
N ILE D 46 -39.92 -18.10 -6.53
CA ILE D 46 -39.04 -17.62 -7.60
C ILE D 46 -39.78 -16.66 -8.51
N VAL D 47 -41.00 -17.00 -8.94
CA VAL D 47 -41.73 -16.12 -9.86
C VAL D 47 -42.05 -14.79 -9.19
N THR D 48 -42.62 -14.81 -7.98
CA THR D 48 -42.96 -13.55 -7.34
C THR D 48 -41.73 -12.72 -7.04
N GLY D 49 -40.61 -13.36 -6.73
CA GLY D 49 -39.37 -12.62 -6.51
C GLY D 49 -38.95 -11.84 -7.74
N TYR D 50 -38.98 -12.47 -8.92
CA TYR D 50 -38.68 -11.78 -10.16
C TYR D 50 -39.71 -10.71 -10.47
N MET D 51 -40.98 -11.02 -10.24
CA MET D 51 -42.01 -10.01 -10.48
C MET D 51 -41.80 -8.78 -9.62
N LYS D 52 -41.40 -8.96 -8.37
CA LYS D 52 -41.18 -7.82 -7.50
C LYS D 52 -39.99 -7.00 -7.95
N GLN D 53 -38.84 -7.65 -8.20
CA GLN D 53 -37.66 -6.84 -8.45
C GLN D 53 -37.68 -6.18 -9.83
N TYR D 54 -38.41 -6.74 -10.80
CA TYR D 54 -38.51 -6.14 -12.13
C TYR D 54 -39.86 -5.51 -12.42
N GLN D 55 -40.78 -5.50 -11.46
CA GLN D 55 -42.08 -4.84 -11.62
C GLN D 55 -42.87 -5.45 -12.77
N LEU D 56 -42.86 -6.79 -12.86
CA LEU D 56 -43.48 -7.48 -13.98
C LEU D 56 -44.94 -7.79 -13.68
N ILE D 57 -45.82 -7.35 -14.58
CA ILE D 57 -47.24 -7.67 -14.54
C ILE D 57 -47.51 -8.76 -15.56
N GLN D 58 -48.16 -9.84 -15.13
CA GLN D 58 -48.52 -10.99 -15.97
C GLN D 58 -47.34 -11.41 -16.87
N PRO D 59 -46.19 -11.71 -16.28
CA PRO D 59 -45.02 -12.07 -17.09
C PRO D 59 -45.21 -13.37 -17.82
N VAL D 60 -44.56 -13.48 -18.98
CA VAL D 60 -44.45 -14.77 -19.63
C VAL D 60 -43.50 -15.63 -18.81
N ILE D 61 -43.98 -16.80 -18.39
CA ILE D 61 -43.24 -17.71 -17.53
C ILE D 61 -43.06 -19.00 -18.30
N GLY D 62 -41.80 -19.38 -18.55
CA GLY D 62 -41.49 -20.68 -19.15
C GLY D 62 -40.99 -21.62 -18.07
N ILE D 63 -41.57 -22.81 -18.04
CA ILE D 63 -41.14 -23.82 -17.05
C ILE D 63 -40.68 -25.06 -17.79
N SER D 64 -39.44 -25.43 -17.55
CA SER D 64 -38.91 -26.71 -17.97
C SER D 64 -38.85 -27.61 -16.74
N SER D 65 -39.35 -28.84 -16.86
CA SER D 65 -39.37 -29.73 -15.71
C SER D 65 -39.12 -31.17 -16.10
N ALA D 66 -38.35 -31.84 -15.26
CA ALA D 66 -38.32 -33.30 -15.27
C ALA D 66 -39.74 -33.83 -15.13
N GLY D 67 -39.95 -35.03 -15.63
CA GLY D 67 -41.29 -35.61 -15.61
C GLY D 67 -41.97 -35.50 -16.96
N VAL D 68 -43.00 -36.32 -17.13
CA VAL D 68 -43.86 -36.30 -18.31
C VAL D 68 -44.80 -35.10 -18.19
N VAL D 69 -44.75 -34.22 -19.18
CA VAL D 69 -45.46 -32.95 -19.17
C VAL D 69 -46.52 -33.00 -20.24
N ASP D 70 -47.78 -32.77 -19.84
CA ASP D 70 -48.85 -32.44 -20.77
C ASP D 70 -48.72 -30.94 -21.03
N GLU D 71 -48.12 -30.59 -22.17
CA GLU D 71 -47.79 -29.18 -22.43
C GLU D 71 -49.03 -28.30 -22.45
N GLN D 72 -50.14 -28.81 -22.99
CA GLN D 72 -51.36 -28.01 -23.05
C GLN D 72 -51.94 -27.77 -21.66
N LYS D 73 -52.01 -28.80 -20.82
CA LYS D 73 -52.51 -28.61 -19.46
C LYS D 73 -51.53 -27.82 -18.62
N GLY D 74 -50.25 -27.85 -18.99
CA GLY D 74 -49.21 -27.35 -18.11
C GLY D 74 -49.03 -28.21 -16.87
N GLU D 75 -49.09 -29.53 -17.03
CA GLU D 75 -49.21 -30.42 -15.89
C GLU D 75 -48.25 -31.60 -16.02
N ILE D 76 -47.64 -31.98 -14.89
CA ILE D 76 -46.89 -33.22 -14.74
C ILE D 76 -47.91 -34.35 -14.67
N VAL D 77 -48.03 -35.16 -15.73
CA VAL D 77 -49.01 -36.25 -15.77
C VAL D 77 -48.39 -37.60 -15.45
N TYR D 78 -47.08 -37.66 -15.24
CA TYR D 78 -46.40 -38.91 -14.91
C TYR D 78 -44.97 -38.60 -14.47
N ALA D 79 -44.52 -39.19 -13.37
CA ALA D 79 -43.20 -38.89 -12.86
C ALA D 79 -42.59 -40.10 -12.17
N GLY D 80 -41.38 -40.48 -12.58
CA GLY D 80 -40.59 -41.47 -11.89
C GLY D 80 -40.18 -41.02 -10.50
N PRO D 81 -39.45 -41.89 -9.77
CA PRO D 81 -39.18 -41.63 -8.35
C PRO D 81 -38.12 -40.58 -8.08
N THR D 82 -37.47 -40.04 -9.11
CA THR D 82 -36.51 -38.98 -8.85
C THR D 82 -37.16 -37.81 -8.13
N ILE D 83 -38.38 -37.44 -8.52
CA ILE D 83 -39.16 -36.45 -7.77
C ILE D 83 -40.41 -37.11 -7.22
N PRO D 84 -40.55 -37.25 -5.90
CA PRO D 84 -41.75 -37.88 -5.35
C PRO D 84 -42.97 -36.97 -5.35
N ASN D 85 -44.14 -37.59 -5.47
CA ASN D 85 -45.41 -36.88 -5.30
C ASN D 85 -45.58 -35.79 -6.36
N TYR D 86 -44.94 -35.98 -7.51
CA TYR D 86 -44.88 -34.93 -8.51
C TYR D 86 -46.05 -35.01 -9.49
N LYS D 87 -46.60 -36.20 -9.71
CA LYS D 87 -47.72 -36.33 -10.64
C LYS D 87 -48.86 -35.43 -10.20
N GLY D 88 -49.45 -34.74 -11.17
CA GLY D 88 -50.54 -33.83 -10.88
C GLY D 88 -50.13 -32.39 -10.68
N THR D 89 -48.83 -32.12 -10.57
CA THR D 89 -48.40 -30.73 -10.40
C THR D 89 -48.78 -29.91 -11.62
N ASN D 90 -49.63 -28.91 -11.44
CA ASN D 90 -50.09 -28.08 -12.55
C ASN D 90 -49.54 -26.67 -12.38
N PHE D 91 -48.56 -26.32 -13.18
CA PHE D 91 -47.90 -25.03 -13.01
C PHE D 91 -48.80 -23.90 -13.49
N LYS D 92 -49.70 -24.16 -14.45
CA LYS D 92 -50.62 -23.11 -14.86
C LYS D 92 -51.59 -22.75 -13.75
N ARG D 93 -52.15 -23.76 -13.06
CA ARG D 93 -53.02 -23.49 -11.91
C ARG D 93 -52.25 -22.81 -10.81
N LEU D 94 -51.04 -23.33 -10.53
CA LEU D 94 -50.18 -22.79 -9.48
C LEU D 94 -49.98 -21.28 -9.63
N LEU D 95 -49.71 -20.83 -10.84
CA LEU D 95 -49.25 -19.47 -11.08
C LEU D 95 -50.35 -18.57 -11.66
N LYS D 96 -51.58 -19.07 -11.77
CA LYS D 96 -52.63 -18.37 -12.51
C LYS D 96 -52.95 -17.00 -11.92
N SER D 97 -52.81 -16.81 -10.62
CA SER D 97 -53.07 -15.45 -10.14
C SER D 97 -51.89 -14.51 -10.37
N LEU D 98 -50.71 -15.05 -10.66
CA LEU D 98 -49.58 -14.23 -11.09
C LEU D 98 -49.58 -13.96 -12.60
N SER D 99 -49.92 -14.95 -13.42
CA SER D 99 -49.84 -14.74 -14.85
C SER D 99 -50.65 -15.82 -15.54
N PRO D 100 -51.36 -15.51 -16.61
CA PRO D 100 -51.95 -16.55 -17.45
C PRO D 100 -51.03 -17.05 -18.55
N TYR D 101 -49.82 -16.49 -18.66
CA TYR D 101 -48.90 -16.84 -19.73
C TYR D 101 -47.83 -17.76 -19.15
N VAL D 102 -48.19 -19.01 -18.95
CA VAL D 102 -47.28 -20.02 -18.44
C VAL D 102 -47.15 -21.10 -19.50
N LYS D 103 -45.91 -21.44 -19.87
CA LYS D 103 -45.60 -22.58 -20.72
C LYS D 103 -44.88 -23.60 -19.87
N VAL D 104 -45.14 -24.88 -20.12
CA VAL D 104 -44.45 -25.96 -19.40
C VAL D 104 -44.00 -26.99 -20.43
N LYS D 105 -42.73 -27.41 -20.34
CA LYS D 105 -42.15 -28.45 -21.20
C LYS D 105 -41.36 -29.43 -20.37
N ASN D 106 -41.23 -30.66 -20.89
CA ASN D 106 -40.27 -31.60 -20.31
C ASN D 106 -38.84 -31.03 -20.36
N ASP D 107 -38.01 -31.42 -19.38
CA ASP D 107 -36.66 -30.83 -19.31
C ASP D 107 -35.80 -31.13 -20.53
N VAL D 108 -35.95 -32.31 -21.14
CA VAL D 108 -35.13 -32.64 -22.31
C VAL D 108 -35.65 -31.89 -23.54
N ASN D 109 -36.97 -31.81 -23.70
CA ASN D 109 -37.54 -30.93 -24.70
C ASN D 109 -36.94 -29.55 -24.61
N ALA D 110 -36.90 -29.00 -23.40
CA ALA D 110 -36.38 -27.66 -23.22
C ALA D 110 -34.89 -27.62 -23.51
N ALA D 111 -34.13 -28.60 -23.02
CA ALA D 111 -32.69 -28.57 -23.27
C ALA D 111 -32.40 -28.63 -24.78
N LEU D 112 -33.11 -29.51 -25.49
CA LEU D 112 -32.92 -29.63 -26.94
C LEU D 112 -33.30 -28.34 -27.65
N LEU D 113 -34.46 -27.77 -27.33
CA LEU D 113 -34.88 -26.54 -27.99
C LEU D 113 -33.90 -25.39 -27.71
N GLY D 114 -33.40 -25.31 -26.49
CA GLY D 114 -32.39 -24.30 -26.19
C GLY D 114 -31.11 -24.54 -26.94
N GLU D 115 -30.66 -25.80 -26.98
CA GLU D 115 -29.46 -26.14 -27.73
C GLU D 115 -29.58 -25.70 -29.18
N LEU D 116 -30.74 -25.97 -29.82
CA LEU D 116 -30.91 -25.69 -31.23
C LEU D 116 -31.10 -24.20 -31.50
N LYS D 117 -31.61 -23.46 -30.52
CA LYS D 117 -31.66 -22.01 -30.68
C LYS D 117 -30.27 -21.39 -30.62
N LEU D 118 -29.34 -22.06 -29.93
CA LEU D 118 -27.99 -21.52 -29.77
C LEU D 118 -26.99 -22.08 -30.77
N HIS D 119 -27.26 -23.26 -31.35
CA HIS D 119 -26.26 -23.93 -32.18
C HIS D 119 -26.92 -24.60 -33.36
N GLN D 120 -26.34 -24.39 -34.54
CA GLN D 120 -26.85 -24.97 -35.76
C GLN D 120 -26.22 -26.34 -35.99
N TYR D 121 -26.98 -27.24 -36.59
CA TYR D 121 -26.50 -28.57 -36.92
C TYR D 121 -26.96 -28.93 -38.31
N GLN D 122 -26.18 -29.79 -38.98
CA GLN D 122 -26.57 -30.26 -40.30
C GLN D 122 -27.68 -31.30 -40.22
N ALA D 123 -27.61 -32.17 -39.22
CA ALA D 123 -28.59 -33.24 -39.11
C ALA D 123 -30.00 -32.66 -39.08
N GLU D 124 -30.91 -33.31 -39.81
CA GLU D 124 -32.32 -32.96 -39.80
C GLU D 124 -33.03 -33.60 -38.62
N ARG D 125 -32.61 -34.79 -38.23
CA ARG D 125 -33.22 -35.51 -37.12
C ARG D 125 -32.22 -35.59 -35.99
N ILE D 126 -32.55 -34.97 -34.87
CA ILE D 126 -31.65 -34.86 -33.73
C ILE D 126 -32.35 -35.45 -32.52
N PHE D 127 -31.74 -36.46 -31.92
CA PHE D 127 -32.18 -36.97 -30.64
C PHE D 127 -31.30 -36.43 -29.52
N CYS D 128 -31.93 -36.02 -28.41
CA CYS D 128 -31.17 -35.57 -27.25
C CYS D 128 -31.45 -36.47 -26.05
N MET D 129 -30.40 -36.99 -25.46
CA MET D 129 -30.49 -37.76 -24.22
C MET D 129 -29.72 -37.03 -23.13
N THR D 130 -30.39 -36.74 -22.01
CA THR D 130 -29.67 -36.18 -20.87
C THR D 130 -29.37 -37.29 -19.88
N LEU D 131 -28.16 -37.26 -19.36
CA LEU D 131 -27.70 -38.15 -18.30
C LEU D 131 -27.50 -37.32 -17.05
N GLY D 132 -28.25 -37.65 -16.00
CA GLY D 132 -28.08 -36.97 -14.73
C GLY D 132 -28.81 -37.69 -13.61
N THR D 133 -29.56 -36.92 -12.82
CA THR D 133 -30.45 -37.49 -11.81
C THR D 133 -31.26 -38.63 -12.41
N GLY D 134 -31.96 -38.31 -13.49
CA GLY D 134 -32.60 -39.30 -14.32
C GLY D 134 -31.99 -39.26 -15.71
N ILE D 135 -32.56 -40.11 -16.56
CA ILE D 135 -32.24 -40.14 -17.98
C ILE D 135 -33.53 -39.83 -18.72
N GLY D 136 -33.46 -38.89 -19.67
CA GLY D 136 -34.63 -38.49 -20.43
C GLY D 136 -34.28 -38.25 -21.89
N GLY D 137 -35.32 -38.09 -22.70
CA GLY D 137 -35.13 -37.96 -24.13
C GLY D 137 -36.05 -36.95 -24.78
N ALA D 138 -35.67 -36.56 -25.99
CA ALA D 138 -36.49 -35.73 -26.85
C ALA D 138 -35.95 -35.86 -28.25
N TYR D 139 -36.83 -35.77 -29.23
CA TYR D 139 -36.47 -36.02 -30.61
C TYR D 139 -37.03 -34.90 -31.48
N LYS D 140 -36.16 -34.16 -32.15
CA LYS D 140 -36.62 -33.19 -33.15
C LYS D 140 -36.63 -33.90 -34.49
N ASN D 141 -37.80 -34.02 -35.08
CA ASN D 141 -37.94 -34.94 -36.21
C ASN D 141 -37.61 -34.22 -37.50
N ASN D 142 -37.87 -34.91 -38.62
CA ASN D 142 -37.51 -34.40 -39.95
C ASN D 142 -38.14 -33.04 -40.22
N GLN D 143 -39.42 -32.88 -39.87
CA GLN D 143 -40.17 -31.67 -40.18
C GLN D 143 -39.98 -30.57 -39.14
N GLY D 144 -39.02 -30.71 -38.24
CA GLY D 144 -38.72 -29.67 -37.27
C GLY D 144 -39.50 -29.73 -35.97
N HIS D 145 -40.27 -30.77 -35.74
CA HIS D 145 -41.19 -30.83 -34.62
C HIS D 145 -40.66 -31.79 -33.55
N ILE D 146 -40.99 -31.50 -32.29
CA ILE D 146 -40.72 -32.42 -31.19
C ILE D 146 -42.05 -33.01 -30.76
N ASP D 147 -42.30 -34.26 -31.12
CA ASP D 147 -43.54 -34.91 -30.74
C ASP D 147 -43.37 -35.54 -29.37
N ASN D 148 -44.34 -35.36 -28.50
CA ASN D 148 -44.30 -35.94 -27.17
C ASN D 148 -45.06 -37.24 -27.03
N GLY D 149 -45.70 -37.71 -28.11
CA GLY D 149 -46.38 -38.98 -28.09
C GLY D 149 -47.85 -38.88 -27.72
N GLU D 150 -48.54 -40.02 -27.82
CA GLU D 150 -49.98 -40.02 -27.68
C GLU D 150 -50.41 -39.67 -26.26
N LEU D 151 -49.61 -40.03 -25.27
CA LEU D 151 -49.86 -39.73 -23.87
C LEU D 151 -48.74 -38.90 -23.28
N HIS D 152 -48.04 -38.14 -24.13
CA HIS D 152 -47.04 -37.16 -23.72
C HIS D 152 -45.74 -37.77 -23.19
N LYS D 153 -45.58 -39.10 -23.18
CA LYS D 153 -44.41 -39.73 -22.57
C LYS D 153 -43.50 -40.35 -23.61
N ALA D 154 -43.54 -39.85 -24.84
CA ALA D 154 -42.57 -40.29 -25.83
C ALA D 154 -41.15 -40.02 -25.35
N ASN D 155 -40.24 -40.92 -25.72
CA ASN D 155 -38.80 -40.73 -25.51
C ASN D 155 -38.41 -40.72 -24.03
N GLU D 156 -39.23 -41.29 -23.16
CA GLU D 156 -38.84 -41.51 -21.77
C GLU D 156 -37.88 -42.70 -21.72
N VAL D 157 -36.68 -42.48 -22.29
CA VAL D 157 -35.74 -43.56 -22.55
C VAL D 157 -35.12 -44.13 -21.27
N GLY D 158 -35.30 -43.51 -20.11
CA GLY D 158 -34.88 -44.14 -18.87
C GLY D 158 -35.54 -45.48 -18.62
N TYR D 159 -36.71 -45.73 -19.23
CA TYR D 159 -37.42 -46.98 -19.06
C TYR D 159 -37.02 -48.03 -20.09
N LEU D 160 -36.06 -47.71 -20.97
CA LEU D 160 -35.54 -48.70 -21.90
C LEU D 160 -34.90 -49.87 -21.17
N LEU D 161 -34.91 -51.03 -21.82
CA LEU D 161 -34.00 -52.13 -21.47
C LEU D 161 -34.17 -52.57 -20.01
N TYR D 162 -35.41 -52.79 -19.59
CA TYR D 162 -35.61 -53.37 -18.26
C TYR D 162 -35.06 -54.80 -18.22
N ARG D 163 -34.20 -55.09 -17.25
CA ARG D 163 -33.64 -56.43 -17.13
C ARG D 163 -34.35 -57.16 -16.00
N PRO D 164 -35.21 -58.13 -16.31
CA PRO D 164 -35.96 -58.81 -15.23
C PRO D 164 -35.06 -59.40 -14.16
N THR D 165 -33.92 -59.98 -14.53
CA THR D 165 -33.09 -60.67 -13.52
C THR D 165 -32.35 -59.70 -12.62
N GLU D 166 -32.18 -58.45 -13.03
CA GLU D 166 -31.53 -57.47 -12.17
C GLU D 166 -32.52 -56.47 -11.62
N ASN D 167 -33.75 -56.47 -12.11
CA ASN D 167 -34.77 -55.52 -11.70
C ASN D 167 -34.27 -54.08 -11.84
N THR D 168 -33.65 -53.78 -13.00
CA THR D 168 -33.21 -52.43 -13.29
C THR D 168 -33.65 -52.03 -14.69
N THR D 169 -34.03 -50.76 -14.82
CA THR D 169 -34.21 -50.08 -16.09
C THR D 169 -32.91 -49.42 -16.50
N PHE D 170 -32.88 -48.91 -17.74
CA PHE D 170 -31.75 -48.11 -18.21
C PHE D 170 -31.37 -47.02 -17.20
N GLU D 171 -32.35 -46.22 -16.80
CA GLU D 171 -32.06 -45.11 -15.88
C GLU D 171 -31.52 -45.62 -14.54
N GLN D 172 -32.00 -46.76 -14.07
CA GLN D 172 -31.54 -47.28 -12.78
C GLN D 172 -30.14 -47.87 -12.85
N ARG D 173 -29.58 -48.01 -14.05
CA ARG D 173 -28.22 -48.46 -14.21
C ARG D 173 -27.28 -47.34 -14.58
N ALA D 174 -27.77 -46.31 -15.26
CA ALA D 174 -26.90 -45.28 -15.81
C ALA D 174 -27.11 -43.90 -15.20
N ALA D 175 -28.09 -43.71 -14.32
CA ALA D 175 -28.24 -42.40 -13.73
C ALA D 175 -27.16 -42.18 -12.66
N THR D 176 -26.88 -40.90 -12.39
CA THR D 176 -25.75 -40.57 -11.55
C THR D 176 -25.83 -41.26 -10.19
N SER D 177 -27.03 -41.33 -9.62
CA SER D 177 -27.15 -42.07 -8.35
C SER D 177 -26.71 -43.52 -8.52
N ALA D 178 -26.99 -44.11 -9.68
CA ALA D 178 -26.55 -45.47 -9.97
C ALA D 178 -25.04 -45.53 -10.15
N LEU D 179 -24.48 -44.57 -10.89
CA LEU D 179 -23.03 -44.51 -11.07
C LEU D 179 -22.30 -44.36 -9.71
N LYS D 180 -22.83 -43.52 -8.81
CA LYS D 180 -22.23 -43.38 -7.49
C LYS D 180 -22.26 -44.70 -6.72
N LYS D 181 -23.35 -45.46 -6.86
CA LYS D 181 -23.36 -46.82 -6.33
C LYS D 181 -22.27 -47.66 -6.99
N ARG D 182 -22.22 -47.61 -8.33
CA ARG D 182 -21.20 -48.36 -9.07
C ARG D 182 -19.79 -47.98 -8.65
N MET D 183 -19.58 -46.71 -8.29
CA MET D 183 -18.27 -46.30 -7.81
C MET D 183 -17.90 -47.01 -6.53
N ILE D 184 -18.79 -47.00 -5.54
CA ILE D 184 -18.46 -47.72 -4.30
C ILE D 184 -18.37 -49.22 -4.57
N ALA D 185 -19.29 -49.77 -5.35
CA ALA D 185 -19.23 -51.19 -5.66
C ALA D 185 -17.91 -51.54 -6.35
N GLY D 186 -17.43 -50.64 -7.22
CA GLY D 186 -16.18 -50.86 -7.93
C GLY D 186 -14.94 -50.46 -7.16
N GLY D 187 -15.06 -50.21 -5.86
CA GLY D 187 -13.91 -49.91 -5.04
C GLY D 187 -13.32 -48.53 -5.17
N PHE D 188 -13.94 -47.65 -5.96
CA PHE D 188 -13.44 -46.28 -6.09
C PHE D 188 -13.85 -45.50 -4.85
N THR D 189 -12.95 -45.39 -3.87
CA THR D 189 -13.29 -44.75 -2.61
C THR D 189 -12.78 -43.32 -2.49
N ARG D 190 -11.85 -42.91 -3.35
CA ARG D 190 -11.37 -41.54 -3.41
C ARG D 190 -12.48 -40.50 -3.21
N SER D 191 -13.64 -40.74 -3.81
CA SER D 191 -14.70 -39.74 -3.79
C SER D 191 -15.99 -40.39 -4.28
N THR D 192 -17.07 -39.65 -4.10
CA THR D 192 -18.37 -40.00 -4.65
C THR D 192 -18.87 -38.88 -5.56
N HIS D 193 -17.95 -38.10 -6.10
CA HIS D 193 -18.27 -36.98 -6.97
C HIS D 193 -17.90 -37.39 -8.39
N VAL D 194 -18.90 -37.43 -9.29
CA VAL D 194 -18.68 -38.02 -10.60
C VAL D 194 -17.54 -37.34 -11.36
N PRO D 195 -17.41 -36.01 -11.36
CA PRO D 195 -16.23 -35.42 -12.02
C PRO D 195 -14.91 -35.99 -11.52
N VAL D 196 -14.78 -36.28 -10.22
CA VAL D 196 -13.55 -36.85 -9.69
C VAL D 196 -13.28 -38.22 -10.31
N LEU D 197 -14.35 -39.00 -10.53
CA LEU D 197 -14.20 -40.28 -11.20
C LEU D 197 -13.54 -40.10 -12.57
N PHE D 198 -14.02 -39.13 -13.34
CA PHE D 198 -13.40 -38.85 -14.64
C PHE D 198 -11.97 -38.35 -14.46
N GLU D 199 -11.78 -37.43 -13.52
CA GLU D 199 -10.43 -36.94 -13.24
C GLU D 199 -9.49 -38.09 -12.97
N ALA D 200 -9.94 -39.05 -12.15
CA ALA D 200 -9.08 -40.18 -11.79
C ALA D 200 -8.75 -41.03 -13.01
N ALA D 201 -9.76 -41.31 -13.84
CA ALA D 201 -9.50 -42.08 -15.05
C ALA D 201 -8.52 -41.36 -15.98
N GLU D 202 -8.62 -40.03 -16.05
CA GLU D 202 -7.71 -39.28 -16.93
C GLU D 202 -6.26 -39.37 -16.48
N GLU D 203 -6.01 -39.37 -15.17
CA GLU D 203 -4.65 -39.52 -14.67
C GLU D 203 -4.28 -40.98 -14.42
N GLY D 204 -4.90 -41.89 -15.17
CA GLY D 204 -4.55 -43.30 -15.20
C GLY D 204 -4.89 -44.11 -13.97
N ASP D 205 -6.14 -44.04 -13.54
CA ASP D 205 -6.63 -44.82 -12.42
C ASP D 205 -7.46 -45.94 -13.02
N ASP D 206 -6.94 -47.18 -12.94
CA ASP D 206 -7.58 -48.29 -13.64
C ASP D 206 -8.93 -48.65 -13.05
N ILE D 207 -9.14 -48.41 -11.76
CA ILE D 207 -10.46 -48.69 -11.19
C ILE D 207 -11.46 -47.64 -11.65
N ALA D 208 -11.07 -46.37 -11.67
CA ALA D 208 -11.93 -45.35 -12.26
C ALA D 208 -12.27 -45.73 -13.69
N LYS D 209 -11.29 -46.25 -14.42
CA LYS D 209 -11.50 -46.61 -15.82
C LYS D 209 -12.49 -47.76 -15.94
N GLN D 210 -12.35 -48.79 -15.09
CA GLN D 210 -13.23 -49.95 -15.18
C GLN D 210 -14.68 -49.56 -14.89
N ILE D 211 -14.91 -48.69 -13.89
CA ILE D 211 -16.27 -48.26 -13.56
C ILE D 211 -16.86 -47.46 -14.70
N LEU D 212 -16.09 -46.54 -15.28
CA LEU D 212 -16.60 -45.72 -16.37
C LEU D 212 -16.95 -46.58 -17.60
N ASN D 213 -16.09 -47.53 -17.95
CA ASN D 213 -16.35 -48.37 -19.11
C ASN D 213 -17.59 -49.23 -18.89
N GLU D 214 -17.68 -49.92 -17.75
CA GLU D 214 -18.87 -50.74 -17.47
C GLU D 214 -20.14 -49.89 -17.47
N TRP D 215 -20.07 -48.68 -16.91
CA TRP D 215 -21.21 -47.77 -16.97
C TRP D 215 -21.48 -47.30 -18.40
N ALA D 216 -20.42 -46.91 -19.13
CA ALA D 216 -20.61 -46.46 -20.49
C ALA D 216 -21.14 -47.58 -21.38
N GLU D 217 -20.80 -48.82 -21.06
CA GLU D 217 -21.38 -49.97 -21.77
C GLU D 217 -22.90 -49.92 -21.67
N ASP D 218 -23.42 -49.72 -20.46
CA ASP D 218 -24.87 -49.65 -20.29
C ASP D 218 -25.45 -48.43 -20.98
N VAL D 219 -24.76 -47.29 -20.96
CA VAL D 219 -25.27 -46.12 -21.65
C VAL D 219 -25.33 -46.36 -23.15
N ALA D 220 -24.24 -46.91 -23.72
CA ALA D 220 -24.17 -47.23 -25.14
C ALA D 220 -25.29 -48.20 -25.55
N GLU D 221 -25.58 -49.19 -24.70
CA GLU D 221 -26.67 -50.12 -24.96
C GLU D 221 -28.00 -49.37 -25.15
N GLY D 222 -28.28 -48.40 -24.29
CA GLY D 222 -29.49 -47.60 -24.45
C GLY D 222 -29.46 -46.71 -25.67
N ILE D 223 -28.33 -46.05 -25.93
CA ILE D 223 -28.25 -45.23 -27.12
C ILE D 223 -28.52 -46.07 -28.36
N ALA D 224 -28.05 -47.32 -28.35
CA ALA D 224 -28.18 -48.17 -29.53
C ALA D 224 -29.66 -48.41 -29.87
N GLN D 225 -30.50 -48.62 -28.85
CA GLN D 225 -31.93 -48.80 -29.08
C GLN D 225 -32.56 -47.53 -29.69
N ILE D 226 -32.19 -46.36 -29.16
CA ILE D 226 -32.65 -45.10 -29.73
C ILE D 226 -32.20 -44.99 -31.18
N GLN D 227 -30.93 -45.30 -31.45
CA GLN D 227 -30.42 -45.33 -32.81
C GLN D 227 -31.25 -46.25 -33.69
N VAL D 228 -31.53 -47.45 -33.21
CA VAL D 228 -32.25 -48.42 -34.05
C VAL D 228 -33.65 -47.91 -34.36
N MET D 229 -34.37 -47.39 -33.35
CA MET D 229 -35.70 -46.84 -33.59
C MET D 229 -35.65 -45.69 -34.61
N TYR D 230 -34.85 -44.65 -34.31
CA TYR D 230 -34.99 -43.38 -35.00
C TYR D 230 -34.10 -43.23 -36.22
N ASP D 231 -32.94 -43.86 -36.27
CA ASP D 231 -31.96 -43.62 -37.32
C ASP D 231 -31.72 -42.11 -37.44
N PRO D 232 -31.44 -41.43 -36.33
CA PRO D 232 -31.31 -39.96 -36.37
C PRO D 232 -30.03 -39.54 -37.06
N GLY D 233 -29.98 -38.27 -37.49
CA GLY D 233 -28.73 -37.72 -38.00
C GLY D 233 -27.72 -37.38 -36.92
N LEU D 234 -28.18 -37.21 -35.68
CA LEU D 234 -27.32 -36.73 -34.61
C LEU D 234 -27.92 -37.13 -33.27
N ILE D 235 -27.07 -37.58 -32.36
CA ILE D 235 -27.49 -37.86 -30.98
C ILE D 235 -26.68 -36.98 -30.04
N LEU D 236 -27.36 -36.02 -29.41
CA LEU D 236 -26.76 -35.13 -28.43
C LEU D 236 -26.92 -35.73 -27.04
N ILE D 237 -25.85 -35.72 -26.26
CA ILE D 237 -25.87 -36.11 -24.86
C ILE D 237 -25.83 -34.82 -24.04
N GLY D 238 -26.88 -34.56 -23.27
CA GLY D 238 -26.93 -33.42 -22.38
C GLY D 238 -26.88 -33.82 -20.92
N GLY D 239 -27.23 -32.86 -20.06
CA GLY D 239 -27.14 -33.05 -18.62
C GLY D 239 -25.79 -32.59 -18.10
N GLY D 240 -25.70 -32.53 -16.76
CA GLY D 240 -24.49 -32.01 -16.14
C GLY D 240 -23.23 -32.68 -16.68
N ILE D 241 -23.27 -34.00 -16.83
CA ILE D 241 -22.11 -34.75 -17.26
C ILE D 241 -21.65 -34.33 -18.66
N SER D 242 -22.51 -33.65 -19.43
CA SER D 242 -22.11 -33.18 -20.75
C SER D 242 -20.92 -32.24 -20.69
N GLU D 243 -20.61 -31.68 -19.53
CA GLU D 243 -19.44 -30.80 -19.45
C GLU D 243 -18.14 -31.57 -19.68
N GLN D 244 -18.14 -32.91 -19.53
CA GLN D 244 -16.95 -33.70 -19.85
C GLN D 244 -16.61 -33.65 -21.34
N GLY D 245 -17.56 -33.29 -22.19
CA GLY D 245 -17.25 -33.16 -23.61
C GLY D 245 -16.75 -34.48 -24.19
N ASP D 246 -15.65 -34.42 -24.94
CA ASP D 246 -15.12 -35.62 -25.57
C ASP D 246 -14.61 -36.64 -24.56
N ASN D 247 -14.25 -36.20 -23.35
CA ASN D 247 -13.87 -37.16 -22.34
C ASN D 247 -15.03 -38.05 -21.94
N LEU D 248 -16.27 -37.61 -22.18
CA LEU D 248 -17.42 -38.49 -21.99
C LEU D 248 -17.69 -39.33 -23.23
N ILE D 249 -17.75 -38.68 -24.39
CA ILE D 249 -18.06 -39.37 -25.64
C ILE D 249 -17.10 -40.54 -25.88
N LYS D 250 -15.81 -40.32 -25.63
CA LYS D 250 -14.81 -41.33 -25.98
C LYS D 250 -15.10 -42.66 -25.28
N TYR D 251 -15.78 -42.62 -24.15
CA TYR D 251 -16.21 -43.82 -23.45
C TYR D 251 -17.46 -44.44 -24.07
N ILE D 252 -18.40 -43.62 -24.53
CA ILE D 252 -19.72 -44.11 -24.91
C ILE D 252 -19.82 -44.40 -26.40
N GLU D 253 -19.32 -43.49 -27.25
CA GLU D 253 -19.61 -43.59 -28.68
C GLU D 253 -19.05 -44.87 -29.27
N PRO D 254 -17.79 -45.25 -29.05
CA PRO D 254 -17.30 -46.50 -29.66
C PRO D 254 -18.11 -47.71 -29.23
N LYS D 255 -18.69 -47.69 -28.02
CA LYS D 255 -19.38 -48.87 -27.52
C LYS D 255 -20.75 -49.05 -28.15
N VAL D 256 -21.34 -48.00 -28.73
CA VAL D 256 -22.64 -48.14 -29.38
C VAL D 256 -22.59 -49.22 -30.46
N ALA D 257 -21.43 -49.40 -31.11
CA ALA D 257 -21.25 -50.43 -32.13
C ALA D 257 -21.43 -51.86 -31.60
N HIS D 258 -21.25 -52.07 -30.29
CA HIS D 258 -21.43 -53.41 -29.73
C HIS D 258 -22.87 -53.90 -29.82
N TYR D 259 -23.84 -53.00 -29.94
CA TYR D 259 -25.24 -53.40 -29.94
C TYR D 259 -25.89 -53.27 -31.32
N LEU D 260 -25.07 -53.16 -32.36
CA LEU D 260 -25.51 -52.96 -33.73
C LEU D 260 -24.80 -53.92 -34.65
N PRO D 261 -25.40 -54.25 -35.79
CA PRO D 261 -24.70 -55.10 -36.78
C PRO D 261 -23.38 -54.48 -37.23
N LYS D 262 -22.50 -55.36 -37.73
CA LYS D 262 -21.13 -54.96 -38.00
C LYS D 262 -21.08 -53.80 -39.01
N ASP D 263 -21.93 -53.82 -40.03
CA ASP D 263 -21.86 -52.80 -41.06
C ASP D 263 -22.88 -51.69 -40.88
N TYR D 264 -23.47 -51.58 -39.69
CA TYR D 264 -24.55 -50.62 -39.43
C TYR D 264 -23.97 -49.25 -39.08
N VAL D 265 -24.40 -48.24 -39.81
CA VAL D 265 -23.87 -46.89 -39.68
C VAL D 265 -24.76 -46.16 -38.68
N TYR D 266 -24.21 -45.78 -37.52
CA TYR D 266 -25.01 -45.06 -36.55
C TYR D 266 -24.59 -43.58 -36.50
N ALA D 267 -25.43 -42.79 -35.86
CA ALA D 267 -25.27 -41.35 -35.87
C ALA D 267 -24.03 -40.91 -35.09
N PRO D 268 -23.46 -39.76 -35.42
CA PRO D 268 -22.47 -39.17 -34.52
C PRO D 268 -23.12 -38.91 -33.16
N ILE D 269 -22.35 -39.14 -32.12
CA ILE D 269 -22.79 -38.94 -30.76
C ILE D 269 -21.90 -37.85 -30.17
N GLN D 270 -22.51 -36.75 -29.74
CA GLN D 270 -21.82 -35.55 -29.30
C GLN D 270 -22.43 -35.06 -28.01
N THR D 271 -21.67 -34.27 -27.25
CA THR D 271 -22.31 -33.59 -26.14
C THR D 271 -22.95 -32.29 -26.63
N THR D 272 -23.95 -31.82 -25.89
CA THR D 272 -24.52 -30.51 -26.16
C THR D 272 -23.47 -29.43 -26.02
N LYS D 273 -23.50 -28.45 -26.93
CA LYS D 273 -22.58 -27.30 -26.85
C LYS D 273 -23.00 -26.36 -25.72
N SER D 274 -24.30 -26.16 -25.52
CA SER D 274 -24.75 -25.51 -24.30
C SER D 274 -24.66 -26.47 -23.13
N LYS D 275 -23.96 -26.06 -22.07
CA LYS D 275 -23.74 -27.00 -20.96
C LYS D 275 -24.73 -26.83 -19.82
N ASN D 276 -25.07 -25.60 -19.45
CA ASN D 276 -25.89 -25.38 -18.27
C ASN D 276 -27.26 -24.78 -18.56
N ASP D 277 -27.34 -23.82 -19.48
CA ASP D 277 -28.48 -22.93 -19.61
C ASP D 277 -29.47 -23.35 -20.68
N ALA D 278 -29.21 -24.44 -21.41
CA ALA D 278 -30.02 -24.75 -22.58
C ALA D 278 -31.50 -24.74 -22.24
N ALA D 279 -31.88 -25.40 -21.14
CA ALA D 279 -33.29 -25.56 -20.83
C ALA D 279 -33.95 -24.23 -20.49
N LEU D 280 -33.21 -23.29 -19.88
CA LEU D 280 -33.83 -22.01 -19.58
C LEU D 280 -34.20 -21.27 -20.85
N TYR D 281 -33.41 -21.42 -21.93
CA TYR D 281 -33.84 -20.80 -23.19
C TYR D 281 -34.96 -21.60 -23.82
N GLY D 282 -34.85 -22.93 -23.76
CA GLY D 282 -35.80 -23.79 -24.45
C GLY D 282 -37.20 -23.71 -23.87
N CYS D 283 -37.34 -23.47 -22.57
CA CYS D 283 -38.67 -23.54 -22.00
C CYS D 283 -39.53 -22.36 -22.43
N LEU D 284 -38.92 -21.33 -23.02
CA LEU D 284 -39.64 -20.20 -23.61
C LEU D 284 -40.04 -20.41 -25.07
N GLN D 285 -39.53 -21.47 -25.71
CA GLN D 285 -39.89 -21.80 -27.11
C GLN D 285 -41.28 -22.44 -27.23
#